data_5CZR
#
_entry.id   5CZR
#
_cell.length_a   70.879
_cell.length_b   119.769
_cell.length_c   74.318
_cell.angle_alpha   90.00
_cell.angle_beta   104.12
_cell.angle_gamma   90.00
#
_symmetry.space_group_name_H-M   'P 1 21 1'
#
loop_
_entity.id
_entity.type
_entity.pdbx_description
1 polymer 'Cadherin-related family member 2'
2 non-polymer 'CALCIUM ION'
3 water water
#
_entity_poly.entity_id   1
_entity_poly.type   'polypeptide(L)'
_entity_poly.pdbx_seq_one_letter_code
;MNVAPKFLANMTSVILPEDLPVGAQAFWLVAEDQDNDPLTYGMSGPNAYFFAVTPKTGEVKLASALDYETLYTFKVTISV
SDPYIQVQREMLVIVEDRNDNAPVFQNTAFSTSINETLPVGSVVFSVLAVDKDMGSAGMVVYSIEKVIPSTGDSEHLFRI
LANGSIVLNGSLSYNNKSAFYQLELKACDLGGMYHNTFTIQCSLPVFLSISVVDQPDLEHHHHHH
;
_entity_poly.pdbx_strand_id   A,B,C,D
#
loop_
_chem_comp.id
_chem_comp.type
_chem_comp.name
_chem_comp.formula
CA non-polymer 'CALCIUM ION' 'Ca 2'
#
# COMPACT_ATOMS: atom_id res chain seq x y z
N ASN A 2 2.53 -12.87 39.38
CA ASN A 2 2.97 -12.43 38.02
C ASN A 2 2.90 -13.50 36.94
N VAL A 3 2.42 -13.13 35.76
CA VAL A 3 2.49 -13.96 34.57
C VAL A 3 3.67 -13.52 33.65
N ALA A 4 4.46 -14.49 33.21
CA ALA A 4 5.58 -14.23 32.33
C ALA A 4 5.09 -13.72 30.99
N PRO A 5 5.80 -12.76 30.39
CA PRO A 5 5.47 -12.37 29.01
C PRO A 5 5.81 -13.51 28.04
N LYS A 6 5.22 -13.42 26.86
CA LYS A 6 5.28 -14.48 25.86
C LYS A 6 5.37 -13.83 24.49
N PHE A 7 6.40 -14.19 23.74
CA PHE A 7 6.55 -13.75 22.35
C PHE A 7 5.39 -14.27 21.52
N LEU A 8 4.95 -13.45 20.59
CA LEU A 8 3.96 -13.91 19.63
C LEU A 8 4.49 -15.08 18.83
N ALA A 9 3.56 -15.91 18.36
CA ALA A 9 3.87 -17.10 17.59
C ALA A 9 4.86 -16.89 16.43
N ASN A 10 4.76 -15.77 15.73
CA ASN A 10 5.61 -15.54 14.56
C ASN A 10 7.05 -15.07 14.89
N MET A 11 7.41 -15.04 16.16
CA MET A 11 8.77 -14.71 16.56
C MET A 11 9.78 -15.88 16.47
N THR A 12 9.39 -17.03 15.95
CA THR A 12 10.31 -18.16 15.79
C THR A 12 11.33 -17.95 14.66
N SER A 13 10.94 -17.15 13.66
CA SER A 13 11.79 -16.86 12.56
C SER A 13 11.50 -15.51 11.95
N VAL A 14 12.47 -15.04 11.16
CA VAL A 14 12.28 -13.86 10.36
C VAL A 14 13.07 -13.99 9.06
N ILE A 15 12.51 -13.43 7.98
CA ILE A 15 13.11 -13.46 6.66
C ILE A 15 13.59 -12.08 6.33
N LEU A 16 14.84 -11.97 5.92
CA LEU A 16 15.44 -10.69 5.62
C LEU A 16 16.23 -10.83 4.35
N PRO A 17 16.18 -9.80 3.51
CA PRO A 17 17.06 -9.81 2.32
C PRO A 17 18.52 -9.51 2.66
N GLU A 18 19.43 -10.17 1.93
CA GLU A 18 20.86 -10.05 2.20
C GLU A 18 21.39 -8.62 1.95
N ASP A 19 20.70 -7.85 1.10
CA ASP A 19 21.08 -6.48 0.80
C ASP A 19 20.51 -5.39 1.76
N LEU A 20 19.93 -5.80 2.89
CA LEU A 20 19.38 -4.86 3.86
C LEU A 20 20.53 -3.98 4.30
N PRO A 21 20.39 -2.66 4.14
CA PRO A 21 21.47 -1.81 4.62
C PRO A 21 21.60 -1.73 6.15
N VAL A 22 22.83 -1.60 6.62
CA VAL A 22 23.11 -1.35 8.01
C VAL A 22 22.44 -0.06 8.43
N GLY A 23 21.78 -0.07 9.58
CA GLY A 23 21.01 1.09 10.04
C GLY A 23 19.52 0.98 9.81
N ALA A 24 19.11 0.16 8.84
CA ALA A 24 17.69 0.04 8.49
C ALA A 24 16.94 -0.79 9.53
N GLN A 25 15.64 -0.51 9.68
CA GLN A 25 14.74 -1.41 10.39
C GLN A 25 14.73 -2.81 9.73
N ALA A 26 14.96 -3.82 10.54
CA ALA A 26 14.91 -5.22 10.09
C ALA A 26 13.53 -5.83 10.38
N PHE A 27 13.08 -5.71 11.62
CA PHE A 27 11.78 -6.23 12.06
C PHE A 27 11.50 -5.74 13.49
N TRP A 28 10.31 -6.06 13.98
CA TRP A 28 9.85 -5.71 15.31
C TRP A 28 9.78 -6.98 16.15
N LEU A 29 10.43 -6.95 17.31
CA LEU A 29 10.18 -7.96 18.33
C LEU A 29 8.89 -7.61 19.05
N VAL A 30 7.99 -8.59 19.15
CA VAL A 30 6.67 -8.37 19.72
C VAL A 30 6.31 -9.53 20.65
N ALA A 31 5.83 -9.15 21.82
CA ALA A 31 5.39 -10.08 22.83
C ALA A 31 4.17 -9.48 23.50
N GLU A 32 3.49 -10.26 24.33
CA GLU A 32 2.32 -9.81 25.10
C GLU A 32 2.47 -10.29 26.52
N ASP A 33 1.76 -9.60 27.40
CA ASP A 33 1.85 -9.89 28.83
C ASP A 33 0.47 -9.77 29.44
N GLN A 34 0.02 -10.87 30.04
CA GLN A 34 -1.34 -10.96 30.64
C GLN A 34 -1.59 -9.92 31.76
N ASP A 35 -0.55 -9.45 32.42
CA ASP A 35 -0.69 -8.41 33.45
C ASP A 35 -0.61 -7.01 32.85
N ASN A 36 -0.34 -6.93 31.55
CA ASN A 36 -0.17 -5.66 30.88
C ASN A 36 1.06 -4.88 31.37
N ASP A 37 2.12 -5.60 31.76
CA ASP A 37 3.35 -4.99 32.27
C ASP A 37 4.09 -4.31 31.10
N PRO A 38 4.82 -3.23 31.40
CA PRO A 38 5.75 -2.71 30.41
C PRO A 38 6.83 -3.74 30.15
N LEU A 39 7.19 -3.91 28.87
CA LEU A 39 8.09 -4.99 28.41
C LEU A 39 9.31 -4.40 27.76
N THR A 40 10.47 -5.00 28.03
CA THR A 40 11.70 -4.60 27.38
C THR A 40 12.36 -5.73 26.64
N TYR A 41 13.05 -5.37 25.56
CA TYR A 41 13.50 -6.33 24.57
C TYR A 41 14.99 -6.25 24.35
N GLY A 42 15.55 -7.40 24.00
CA GLY A 42 16.99 -7.54 23.83
C GLY A 42 17.31 -8.71 22.94
N MET A 43 18.59 -8.82 22.58
CA MET A 43 19.09 -9.92 21.82
C MET A 43 20.48 -10.26 22.32
N SER A 44 20.82 -11.52 22.30
CA SER A 44 22.14 -11.97 22.77
C SER A 44 22.66 -13.18 21.98
N GLY A 45 23.91 -13.53 22.28
CA GLY A 45 24.57 -14.66 21.69
C GLY A 45 25.58 -14.24 20.61
N PRO A 46 26.31 -15.21 20.06
CA PRO A 46 27.43 -14.95 19.14
C PRO A 46 27.06 -14.23 17.83
N ASN A 47 25.79 -14.31 17.44
CA ASN A 47 25.27 -13.65 16.26
C ASN A 47 24.45 -12.39 16.56
N ALA A 48 24.36 -12.00 17.83
CA ALA A 48 23.55 -10.83 18.18
C ALA A 48 24.08 -9.53 17.58
N TYR A 49 25.39 -9.50 17.29
CA TYR A 49 26.04 -8.31 16.76
C TYR A 49 25.50 -7.87 15.37
N PHE A 50 24.79 -8.77 14.69
CA PHE A 50 24.11 -8.42 13.45
C PHE A 50 23.01 -7.38 13.63
N PHE A 51 22.51 -7.23 14.86
CA PHE A 51 21.36 -6.38 15.10
C PHE A 51 21.56 -5.46 16.32
N ALA A 52 20.70 -4.46 16.41
CA ALA A 52 20.63 -3.57 17.57
C ALA A 52 19.17 -3.42 17.89
N VAL A 53 18.80 -3.87 19.11
CA VAL A 53 17.40 -3.82 19.55
C VAL A 53 17.19 -2.51 20.32
N THR A 54 16.11 -1.81 20.03
CA THR A 54 15.66 -0.69 20.85
C THR A 54 14.85 -1.27 22.01
N PRO A 55 15.42 -1.26 23.23
CA PRO A 55 14.82 -2.13 24.28
C PRO A 55 13.39 -1.77 24.67
N LYS A 56 13.06 -0.48 24.64
CA LYS A 56 11.72 -0.06 25.03
C LYS A 56 10.68 -0.48 24.02
N THR A 57 11.00 -0.47 22.74
CA THR A 57 9.94 -0.58 21.70
C THR A 57 9.93 -1.94 21.02
N GLY A 58 11.04 -2.66 21.07
CA GLY A 58 11.17 -3.90 20.33
C GLY A 58 11.62 -3.74 18.88
N GLU A 59 11.87 -2.51 18.43
CA GLU A 59 12.34 -2.28 17.07
C GLU A 59 13.75 -2.88 16.91
N VAL A 60 13.96 -3.63 15.83
CA VAL A 60 15.27 -4.22 15.57
C VAL A 60 15.85 -3.61 14.31
N LYS A 61 17.07 -3.09 14.43
CA LYS A 61 17.78 -2.50 13.28
C LYS A 61 18.97 -3.34 12.95
N LEU A 62 19.32 -3.43 11.67
CA LEU A 62 20.50 -4.18 11.27
C LEU A 62 21.76 -3.38 11.68
N ALA A 63 22.70 -4.06 12.31
CA ALA A 63 23.91 -3.43 12.81
C ALA A 63 25.15 -3.94 12.13
N SER A 64 25.04 -5.00 11.36
CA SER A 64 26.18 -5.51 10.59
C SER A 64 25.65 -6.21 9.34
N ALA A 65 26.38 -6.11 8.25
CA ALA A 65 25.89 -6.56 6.92
C ALA A 65 25.64 -8.04 6.91
N LEU A 66 24.51 -8.42 6.32
CA LEU A 66 24.16 -9.78 5.96
C LEU A 66 24.86 -10.18 4.68
N ASP A 67 24.94 -11.47 4.41
CA ASP A 67 25.43 -11.98 3.10
C ASP A 67 25.01 -13.43 2.93
N TYR A 68 24.10 -13.66 1.98
CA TYR A 68 23.58 -15.00 1.69
C TYR A 68 24.72 -15.95 1.34
N GLU A 69 25.76 -15.43 0.68
CA GLU A 69 26.83 -16.26 0.18
C GLU A 69 27.75 -16.75 1.32
N THR A 70 27.59 -16.18 2.51
CA THR A 70 28.51 -16.42 3.65
C THR A 70 27.80 -17.11 4.82
N LEU A 71 26.56 -16.71 5.10
CA LEU A 71 25.77 -17.19 6.22
C LEU A 71 24.29 -17.06 5.88
N TYR A 72 23.69 -18.13 5.37
CA TYR A 72 22.39 -18.01 4.73
C TYR A 72 21.24 -18.16 5.69
N THR A 73 21.54 -18.74 6.85
CA THR A 73 20.69 -18.64 8.01
C THR A 73 21.57 -18.60 9.25
N PHE A 74 20.99 -18.11 10.36
CA PHE A 74 21.66 -18.18 11.63
C PHE A 74 20.68 -17.95 12.77
N LYS A 75 21.11 -18.30 13.98
CA LYS A 75 20.25 -18.23 15.14
C LYS A 75 20.68 -17.06 15.99
N VAL A 76 19.70 -16.47 16.64
CA VAL A 76 19.98 -15.52 17.69
C VAL A 76 19.09 -15.81 18.87
N THR A 77 19.51 -15.34 20.04
CA THR A 77 18.68 -15.42 21.22
C THR A 77 17.95 -14.10 21.38
N ILE A 78 16.63 -14.20 21.46
CA ILE A 78 15.83 -13.04 21.69
C ILE A 78 15.29 -13.07 23.10
N SER A 79 15.07 -11.87 23.64
CA SER A 79 14.67 -11.73 25.03
C SER A 79 13.54 -10.70 25.18
N VAL A 80 12.54 -11.04 25.99
CA VAL A 80 11.58 -10.08 26.48
C VAL A 80 11.48 -10.19 28.00
N SER A 81 11.40 -9.04 28.65
CA SER A 81 11.40 -8.96 30.10
C SER A 81 10.24 -8.10 30.55
N ASP A 82 9.42 -8.59 31.49
CA ASP A 82 8.55 -7.66 32.24
C ASP A 82 9.42 -7.15 33.42
N PRO A 83 8.83 -6.45 34.40
CA PRO A 83 9.67 -5.95 35.52
C PRO A 83 10.25 -7.05 36.41
N TYR A 84 9.68 -8.27 36.34
CA TYR A 84 9.97 -9.37 37.27
C TYR A 84 10.74 -10.55 36.70
N ILE A 85 10.56 -10.85 35.41
CA ILE A 85 11.18 -12.02 34.83
C ILE A 85 11.68 -11.78 33.41
N GLN A 86 12.81 -12.40 33.08
CA GLN A 86 13.37 -12.36 31.77
C GLN A 86 13.03 -13.65 31.02
N VAL A 87 12.54 -13.54 29.79
CA VAL A 87 12.13 -14.68 28.98
C VAL A 87 12.92 -14.68 27.65
N GLN A 88 13.58 -15.79 27.35
CA GLN A 88 14.52 -15.87 26.25
C GLN A 88 14.20 -17.06 25.38
N ARG A 89 14.31 -16.90 24.06
CA ARG A 89 14.02 -17.95 23.10
C ARG A 89 15.04 -17.83 21.98
N GLU A 90 15.04 -18.82 21.12
CA GLU A 90 15.83 -18.78 19.94
C GLU A 90 14.98 -18.36 18.75
N MET A 91 15.54 -17.49 17.92
CA MET A 91 14.95 -17.09 16.65
C MET A 91 15.87 -17.49 15.49
N LEU A 92 15.27 -18.06 14.44
CA LEU A 92 16.01 -18.38 13.20
C LEU A 92 15.95 -17.18 12.23
N VAL A 93 17.11 -16.68 11.84
CA VAL A 93 17.17 -15.63 10.83
C VAL A 93 17.39 -16.30 9.47
N ILE A 94 16.47 -16.07 8.53
CA ILE A 94 16.56 -16.67 7.17
C ILE A 94 16.88 -15.55 6.22
N VAL A 95 18.09 -15.60 5.66
CA VAL A 95 18.55 -14.59 4.78
C VAL A 95 18.12 -14.96 3.34
N GLU A 96 17.53 -14.02 2.62
CA GLU A 96 17.18 -14.23 1.20
C GLU A 96 18.28 -13.78 0.25
N ASP A 97 18.53 -14.62 -0.76
CA ASP A 97 19.49 -14.32 -1.79
C ASP A 97 18.98 -13.16 -2.63
N ARG A 98 19.90 -12.30 -3.00
CA ARG A 98 19.62 -11.25 -3.95
C ARG A 98 20.69 -11.33 -5.05
N ASN A 99 20.46 -10.60 -6.15
CA ASN A 99 21.38 -10.69 -7.30
C ASN A 99 22.58 -9.77 -7.19
N ASP A 100 23.50 -10.11 -6.28
CA ASP A 100 24.64 -9.26 -5.96
C ASP A 100 25.99 -9.79 -6.47
N ASN A 101 25.96 -10.87 -7.25
CA ASN A 101 27.14 -11.36 -7.94
C ASN A 101 26.95 -11.40 -9.44
N ALA A 102 28.06 -11.23 -10.12
CA ALA A 102 28.10 -11.25 -11.58
C ALA A 102 28.74 -12.58 -12.02
N PRO A 103 28.45 -13.04 -13.24
CA PRO A 103 29.25 -14.15 -13.74
C PRO A 103 30.76 -13.83 -13.86
N VAL A 104 31.59 -14.81 -13.52
CA VAL A 104 33.05 -14.70 -13.53
C VAL A 104 33.58 -15.82 -14.45
N PHE A 105 34.39 -15.44 -15.44
CA PHE A 105 35.02 -16.38 -16.33
C PHE A 105 36.14 -17.13 -15.60
N GLN A 106 36.15 -18.46 -15.79
CA GLN A 106 37.07 -19.34 -15.08
C GLN A 106 38.44 -19.43 -15.79
N ASN A 107 38.38 -19.54 -17.10
CA ASN A 107 39.54 -19.72 -17.98
C ASN A 107 40.74 -18.81 -17.70
N THR A 108 41.96 -19.37 -17.74
CA THR A 108 43.17 -18.53 -17.74
C THR A 108 43.40 -18.02 -19.16
N ALA A 109 43.52 -18.98 -20.08
CA ALA A 109 43.96 -18.67 -21.45
C ALA A 109 42.78 -18.37 -22.38
N PHE A 110 42.97 -17.39 -23.28
CA PHE A 110 41.97 -17.03 -24.29
C PHE A 110 42.58 -16.82 -25.67
N SER A 111 43.29 -17.82 -26.13
CA SER A 111 43.75 -17.79 -27.49
C SER A 111 43.78 -19.21 -28.08
N THR A 112 43.62 -19.27 -29.39
CA THR A 112 43.69 -20.53 -30.11
C THR A 112 44.07 -20.27 -31.55
N SER A 113 44.37 -21.35 -32.23
CA SER A 113 44.78 -21.30 -33.59
C SER A 113 43.97 -22.34 -34.34
N ILE A 114 43.37 -21.96 -35.45
CA ILE A 114 42.58 -22.89 -36.22
C ILE A 114 42.92 -22.86 -37.69
N ASN A 115 42.85 -24.04 -38.29
CA ASN A 115 43.11 -24.19 -39.73
C ASN A 115 41.98 -23.59 -40.54
N GLU A 116 42.30 -22.94 -41.66
CA GLU A 116 41.28 -22.25 -42.45
C GLU A 116 40.24 -23.18 -43.10
N THR A 117 40.56 -24.46 -43.26
CA THR A 117 39.63 -25.43 -43.85
C THR A 117 38.79 -26.15 -42.79
N LEU A 118 38.85 -25.69 -41.55
CA LEU A 118 38.06 -26.28 -40.49
C LEU A 118 36.61 -26.22 -40.94
N PRO A 119 35.91 -27.36 -40.91
CA PRO A 119 34.52 -27.32 -41.38
C PRO A 119 33.56 -26.50 -40.51
N VAL A 120 32.58 -25.89 -41.18
CA VAL A 120 31.52 -25.17 -40.55
C VAL A 120 30.75 -26.11 -39.63
N GLY A 121 30.53 -25.65 -38.38
CA GLY A 121 29.95 -26.44 -37.35
C GLY A 121 30.97 -26.91 -36.32
N SER A 122 32.26 -26.78 -36.65
CA SER A 122 33.29 -27.21 -35.69
C SER A 122 33.28 -26.40 -34.39
N VAL A 123 33.48 -27.08 -33.25
CA VAL A 123 33.80 -26.38 -32.01
C VAL A 123 35.21 -25.81 -32.08
N VAL A 124 35.35 -24.51 -31.82
CA VAL A 124 36.66 -23.85 -31.92
C VAL A 124 37.29 -23.54 -30.56
N PHE A 125 36.44 -23.28 -29.57
CA PHE A 125 36.90 -22.93 -28.24
C PHE A 125 35.75 -23.14 -27.29
N SER A 126 36.07 -23.18 -26.01
CA SER A 126 35.09 -23.32 -24.99
C SER A 126 35.38 -22.37 -23.81
N VAL A 127 34.37 -21.63 -23.37
CA VAL A 127 34.49 -20.78 -22.21
C VAL A 127 33.49 -21.19 -21.14
N LEU A 128 33.78 -20.79 -19.92
CA LEU A 128 32.93 -21.06 -18.79
C LEU A 128 32.90 -19.86 -17.87
N ALA A 129 31.70 -19.40 -17.55
CA ALA A 129 31.53 -18.40 -16.49
C ALA A 129 30.58 -18.91 -15.43
N VAL A 130 30.89 -18.62 -14.18
CA VAL A 130 30.08 -19.05 -13.05
C VAL A 130 29.57 -17.86 -12.21
N ASP A 131 28.32 -17.94 -11.80
CA ASP A 131 27.69 -16.91 -10.97
C ASP A 131 27.21 -17.57 -9.70
N LYS A 132 27.63 -17.04 -8.56
CA LYS A 132 27.30 -17.60 -7.24
C LYS A 132 25.84 -17.57 -6.82
N ASP A 133 25.05 -16.68 -7.39
CA ASP A 133 23.69 -16.49 -6.92
C ASP A 133 22.82 -17.69 -7.26
N MET A 134 21.66 -17.79 -6.60
CA MET A 134 20.68 -18.86 -6.79
C MET A 134 19.67 -18.53 -7.90
N GLY A 135 19.07 -19.57 -8.46
CA GLY A 135 17.97 -19.44 -9.41
C GLY A 135 18.40 -18.70 -10.65
N SER A 136 17.53 -17.85 -11.16
CA SER A 136 17.80 -17.13 -12.40
C SER A 136 18.96 -16.17 -12.22
N ALA A 137 19.12 -15.68 -10.99
CA ALA A 137 20.21 -14.76 -10.71
C ALA A 137 21.60 -15.39 -10.85
N GLY A 138 21.64 -16.73 -10.88
CA GLY A 138 22.84 -17.49 -11.11
C GLY A 138 22.95 -18.22 -12.46
N MET A 139 21.91 -18.12 -13.31
CA MET A 139 21.93 -18.75 -14.65
C MET A 139 22.67 -17.84 -15.60
N VAL A 140 23.66 -18.40 -16.26
CA VAL A 140 24.55 -17.66 -17.11
C VAL A 140 24.09 -17.81 -18.58
N VAL A 141 24.02 -16.69 -19.29
CA VAL A 141 23.98 -16.69 -20.74
C VAL A 141 25.18 -15.99 -21.37
N TYR A 142 25.64 -16.54 -22.48
CA TYR A 142 26.88 -16.08 -23.12
C TYR A 142 26.56 -15.30 -24.40
N SER A 143 27.42 -14.37 -24.76
CA SER A 143 27.24 -13.62 -25.92
C SER A 143 28.53 -13.29 -26.58
N ILE A 144 28.49 -13.16 -27.91
CA ILE A 144 29.59 -12.55 -28.64
C ILE A 144 29.23 -11.08 -28.88
N GLU A 145 29.95 -10.18 -28.23
CA GLU A 145 29.59 -8.76 -28.23
C GLU A 145 30.14 -8.06 -29.42
N LYS A 146 31.28 -8.54 -29.91
CA LYS A 146 31.93 -7.86 -30.98
C LYS A 146 32.90 -8.78 -31.64
N VAL A 147 33.00 -8.66 -32.96
CA VAL A 147 34.04 -9.34 -33.71
C VAL A 147 34.91 -8.34 -34.49
N ILE A 148 36.22 -8.54 -34.41
CA ILE A 148 37.20 -7.77 -35.18
C ILE A 148 38.07 -8.73 -35.99
N PRO A 149 38.25 -8.49 -37.30
CA PRO A 149 37.61 -7.39 -38.05
C PRO A 149 36.09 -7.50 -38.15
N SER A 150 35.44 -6.35 -38.35
CA SER A 150 33.98 -6.23 -38.43
C SER A 150 33.74 -6.14 -39.88
N THR A 151 32.81 -6.90 -40.45
CA THR A 151 32.60 -6.89 -41.90
C THR A 151 31.09 -6.77 -42.12
N GLY A 152 30.43 -7.92 -42.08
CA GLY A 152 29.35 -8.18 -43.00
C GLY A 152 29.36 -9.68 -42.92
N ASP A 153 30.46 -10.25 -43.41
CA ASP A 153 30.83 -11.63 -43.11
C ASP A 153 30.97 -11.90 -41.60
N SER A 154 31.91 -11.21 -40.95
CA SER A 154 32.47 -11.61 -39.66
C SER A 154 31.46 -11.69 -38.50
N GLU A 155 30.43 -10.87 -38.52
CA GLU A 155 29.36 -10.91 -37.50
C GLU A 155 28.63 -12.27 -37.39
N HIS A 156 28.61 -13.03 -38.48
CA HIS A 156 27.90 -14.31 -38.55
C HIS A 156 28.85 -15.51 -38.57
N LEU A 157 30.13 -15.26 -38.33
CA LEU A 157 31.17 -16.25 -38.53
C LEU A 157 31.30 -17.21 -37.33
N PHE A 158 30.95 -16.74 -36.13
CA PHE A 158 31.04 -17.52 -34.93
C PHE A 158 29.74 -17.43 -34.18
N ARG A 159 29.42 -18.49 -33.46
CA ARG A 159 28.25 -18.50 -32.63
C ARG A 159 28.68 -19.09 -31.31
N ILE A 160 28.14 -18.56 -30.23
CA ILE A 160 28.40 -19.18 -28.91
C ILE A 160 27.15 -19.88 -28.41
N LEU A 161 27.27 -21.12 -27.96
CA LEU A 161 26.13 -21.92 -27.51
C LEU A 161 25.93 -21.78 -25.98
N ALA A 162 24.79 -22.28 -25.48
CA ALA A 162 24.38 -22.08 -24.08
C ALA A 162 25.33 -22.71 -23.09
N ASN A 163 26.07 -23.71 -23.50
CA ASN A 163 27.11 -24.32 -22.61
C ASN A 163 28.50 -23.66 -22.72
N GLY A 164 28.60 -22.53 -23.41
CA GLY A 164 29.88 -21.83 -23.56
C GLY A 164 30.81 -22.27 -24.71
N SER A 165 30.38 -23.25 -25.52
CA SER A 165 31.15 -23.62 -26.69
C SER A 165 30.95 -22.62 -27.80
N ILE A 166 32.05 -22.23 -28.41
CA ILE A 166 32.00 -21.37 -29.55
C ILE A 166 32.17 -22.26 -30.77
N VAL A 167 31.28 -22.07 -31.75
CA VAL A 167 31.31 -22.84 -32.99
C VAL A 167 31.59 -21.97 -34.21
N LEU A 168 32.23 -22.59 -35.20
CA LEU A 168 32.42 -21.94 -36.48
C LEU A 168 31.10 -21.95 -37.24
N ASN A 169 30.66 -20.79 -37.69
CA ASN A 169 29.38 -20.67 -38.36
C ASN A 169 29.45 -20.23 -39.83
N GLY A 170 30.65 -20.04 -40.35
CA GLY A 170 30.86 -19.76 -41.80
C GLY A 170 32.30 -20.09 -42.10
N SER A 171 32.70 -19.99 -43.34
CA SER A 171 33.99 -20.54 -43.71
C SER A 171 35.06 -19.48 -43.53
N LEU A 172 36.26 -19.95 -43.22
CA LEU A 172 37.42 -19.10 -43.05
C LEU A 172 38.26 -18.96 -44.34
N SER A 173 39.12 -17.94 -44.37
CA SER A 173 40.15 -17.79 -45.41
C SER A 173 41.22 -16.81 -44.96
N TYR A 174 42.42 -17.32 -44.70
CA TYR A 174 43.61 -16.50 -44.34
C TYR A 174 43.81 -15.37 -45.33
N ASN A 175 43.75 -15.69 -46.62
CA ASN A 175 44.11 -14.76 -47.70
C ASN A 175 42.97 -13.80 -48.03
N ASN A 176 41.72 -14.30 -48.09
CA ASN A 176 40.57 -13.54 -48.63
C ASN A 176 39.53 -13.02 -47.64
N LYS A 177 39.63 -13.42 -46.36
CA LYS A 177 38.79 -12.83 -45.32
C LYS A 177 39.62 -12.23 -44.21
N SER A 178 40.30 -13.06 -43.42
CA SER A 178 41.16 -12.55 -42.35
C SER A 178 42.09 -13.62 -41.84
N ALA A 179 43.30 -13.20 -41.49
CA ALA A 179 44.29 -14.06 -40.82
C ALA A 179 44.01 -14.20 -39.33
N PHE A 180 43.06 -13.41 -38.79
CA PHE A 180 42.73 -13.51 -37.38
C PHE A 180 41.37 -12.96 -37.05
N TYR A 181 40.88 -13.32 -35.87
CA TYR A 181 39.71 -12.69 -35.30
C TYR A 181 39.93 -12.46 -33.81
N GLN A 182 39.43 -11.33 -33.33
CA GLN A 182 39.27 -11.15 -31.89
C GLN A 182 37.80 -11.09 -31.53
N LEU A 183 37.38 -11.98 -30.64
CA LEU A 183 35.99 -12.07 -30.22
C LEU A 183 35.90 -11.53 -28.83
N GLU A 184 35.03 -10.54 -28.63
CA GLU A 184 34.76 -10.03 -27.33
C GLU A 184 33.55 -10.79 -26.82
N LEU A 185 33.70 -11.42 -25.65
CA LEU A 185 32.63 -12.22 -25.07
C LEU A 185 32.16 -11.59 -23.77
N LYS A 186 30.88 -11.81 -23.49
CA LYS A 186 30.28 -11.37 -22.25
C LYS A 186 29.42 -12.54 -21.69
N ALA A 187 29.32 -12.59 -20.36
CA ALA A 187 28.41 -13.47 -19.68
C ALA A 187 27.53 -12.66 -18.75
N CYS A 188 26.22 -12.89 -18.78
CA CYS A 188 25.27 -12.19 -17.92
C CYS A 188 24.37 -13.20 -17.21
N ASP A 189 23.80 -12.84 -16.06
CA ASP A 189 22.78 -13.71 -15.44
C ASP A 189 21.45 -13.38 -16.05
N LEU A 190 20.40 -14.10 -15.70
CA LEU A 190 19.03 -13.80 -16.15
C LEU A 190 18.29 -12.87 -15.23
N GLY A 191 19.00 -12.35 -14.23
CA GLY A 191 18.45 -11.29 -13.39
C GLY A 191 17.74 -11.77 -12.13
N GLY A 192 17.50 -10.78 -11.24
CA GLY A 192 16.74 -10.96 -10.01
C GLY A 192 16.81 -9.64 -9.24
N MET A 193 16.17 -9.60 -8.08
CA MET A 193 16.15 -8.42 -7.22
C MET A 193 17.51 -8.13 -6.59
N TYR A 194 17.89 -6.85 -6.64
CA TYR A 194 19.05 -6.35 -5.92
C TYR A 194 18.82 -4.85 -5.70
N HIS A 195 19.03 -4.42 -4.45
CA HIS A 195 18.81 -3.02 -4.06
C HIS A 195 17.42 -2.58 -4.44
N ASN A 196 16.48 -3.48 -4.28
CA ASN A 196 15.07 -3.16 -4.41
C ASN A 196 14.58 -3.07 -5.83
N THR A 197 15.37 -3.51 -6.80
CA THR A 197 14.97 -3.38 -8.19
C THR A 197 15.46 -4.57 -9.01
N PHE A 198 14.74 -4.87 -10.10
CA PHE A 198 15.18 -5.93 -11.00
C PHE A 198 16.57 -5.59 -11.59
N THR A 199 17.50 -6.51 -11.47
CA THR A 199 18.89 -6.24 -11.72
C THR A 199 19.49 -7.36 -12.53
N ILE A 200 20.14 -7.04 -13.63
CA ILE A 200 20.90 -8.05 -14.39
C ILE A 200 22.39 -7.77 -14.29
N GLN A 201 23.17 -8.78 -13.89
CA GLN A 201 24.63 -8.61 -13.71
C GLN A 201 25.39 -9.23 -14.84
N CYS A 202 26.42 -8.54 -15.31
CA CYS A 202 27.23 -9.00 -16.42
C CYS A 202 28.67 -9.05 -16.02
N SER A 203 29.40 -10.03 -16.53
CA SER A 203 30.85 -10.09 -16.35
C SER A 203 31.57 -8.89 -16.94
N LEU A 204 32.80 -8.73 -16.52
CA LEU A 204 33.80 -8.02 -17.31
C LEU A 204 33.92 -8.67 -18.70
N PRO A 205 34.25 -7.87 -19.73
CA PRO A 205 34.47 -8.45 -21.05
C PRO A 205 35.74 -9.32 -21.09
N VAL A 206 35.69 -10.40 -21.89
CA VAL A 206 36.87 -11.20 -22.18
C VAL A 206 37.08 -11.25 -23.67
N PHE A 207 38.34 -11.41 -24.05
CA PHE A 207 38.76 -11.37 -25.44
C PHE A 207 39.43 -12.68 -25.85
N LEU A 208 38.86 -13.31 -26.87
CA LEU A 208 39.42 -14.52 -27.46
C LEU A 208 40.17 -14.17 -28.76
N SER A 209 41.46 -14.48 -28.79
CA SER A 209 42.27 -14.29 -30.00
C SER A 209 42.33 -15.57 -30.82
N ILE A 210 41.90 -15.45 -32.07
CA ILE A 210 41.89 -16.58 -32.96
C ILE A 210 42.81 -16.29 -34.10
N SER A 211 43.87 -17.09 -34.23
CA SER A 211 44.73 -17.10 -35.41
C SER A 211 44.23 -18.12 -36.41
N VAL A 212 44.12 -17.71 -37.66
CA VAL A 212 43.72 -18.56 -38.78
C VAL A 212 44.97 -19.03 -39.53
N VAL A 213 45.17 -20.32 -39.66
CA VAL A 213 46.35 -20.85 -40.38
C VAL A 213 46.02 -21.06 -41.88
N ASP A 214 46.84 -20.45 -42.76
CA ASP A 214 46.75 -20.65 -44.22
C ASP A 214 47.14 -22.10 -44.51
N GLN A 215 46.44 -22.73 -45.44
CA GLN A 215 46.81 -24.08 -45.90
C GLN A 215 46.86 -24.21 -47.40
N PRO A 216 48.08 -24.16 -47.97
CA PRO A 216 48.29 -24.75 -49.32
C PRO A 216 49.01 -26.09 -49.29
N MET B 1 -9.24 -25.31 37.75
CA MET B 1 -7.89 -24.85 37.33
C MET B 1 -7.96 -24.04 36.00
N ASN B 2 -9.01 -24.17 35.20
CA ASN B 2 -9.14 -23.34 33.99
C ASN B 2 -9.04 -21.83 34.23
N VAL B 3 -8.39 -21.12 33.32
CA VAL B 3 -8.42 -19.66 33.28
C VAL B 3 -9.42 -19.16 32.23
N ALA B 4 -10.23 -18.19 32.61
CA ALA B 4 -11.23 -17.60 31.72
C ALA B 4 -10.52 -16.85 30.62
N PRO B 5 -11.06 -16.92 29.40
CA PRO B 5 -10.59 -16.00 28.38
C PRO B 5 -10.94 -14.54 28.68
N LYS B 6 -10.22 -13.64 28.04
CA LYS B 6 -10.28 -12.21 28.27
C LYS B 6 -10.18 -11.49 26.93
N PHE B 7 -11.17 -10.66 26.64
CA PHE B 7 -11.14 -9.78 25.48
C PHE B 7 -9.94 -8.84 25.57
N LEU B 8 -9.34 -8.55 24.41
CA LEU B 8 -8.28 -7.53 24.36
C LEU B 8 -8.84 -6.17 24.73
N ALA B 9 -7.96 -5.30 25.22
CA ALA B 9 -8.31 -3.97 25.72
C ALA B 9 -9.13 -3.13 24.74
N ASN B 10 -8.87 -3.25 23.45
CA ASN B 10 -9.59 -2.45 22.47
C ASN B 10 -10.99 -2.96 22.09
N MET B 11 -11.47 -3.98 22.78
CA MET B 11 -12.83 -4.48 22.53
C MET B 11 -13.94 -3.70 23.26
N THR B 12 -13.61 -2.62 23.95
CA THR B 12 -14.63 -1.80 24.62
C THR B 12 -15.47 -1.04 23.62
N SER B 13 -14.89 -0.75 22.47
CA SER B 13 -15.50 0.18 21.56
C SER B 13 -14.99 0.01 20.14
N VAL B 14 -15.83 0.32 19.17
CA VAL B 14 -15.45 0.18 17.77
C VAL B 14 -16.09 1.31 16.98
N ILE B 15 -15.34 1.81 16.00
CA ILE B 15 -15.81 2.88 15.15
C ILE B 15 -16.08 2.29 13.79
N LEU B 16 -17.23 2.58 13.25
CA LEU B 16 -17.62 2.09 11.94
C LEU B 16 -18.30 3.20 11.15
N PRO B 17 -18.10 3.22 9.83
CA PRO B 17 -18.71 4.26 9.02
C PRO B 17 -20.16 3.91 8.73
N GLU B 18 -21.02 4.92 8.70
CA GLU B 18 -22.45 4.70 8.55
C GLU B 18 -22.81 4.09 7.19
N ASP B 19 -21.93 4.25 6.20
CA ASP B 19 -22.16 3.69 4.86
C ASP B 19 -21.64 2.23 4.63
N LEU B 20 -21.25 1.54 5.71
CA LEU B 20 -20.72 0.20 5.62
C LEU B 20 -21.81 -0.64 5.00
N PRO B 21 -21.53 -1.35 3.92
CA PRO B 21 -22.60 -2.18 3.34
C PRO B 21 -22.88 -3.44 4.13
N VAL B 22 -24.14 -3.82 4.13
CA VAL B 22 -24.57 -5.07 4.70
C VAL B 22 -23.84 -6.22 4.03
N GLY B 23 -23.32 -7.16 4.80
CA GLY B 23 -22.47 -8.24 4.28
C GLY B 23 -20.98 -8.03 4.45
N ALA B 24 -20.53 -6.78 4.59
CA ALA B 24 -19.12 -6.48 4.69
C ALA B 24 -18.57 -6.85 6.07
N GLN B 25 -17.28 -7.18 6.12
CA GLN B 25 -16.55 -7.21 7.38
C GLN B 25 -16.61 -5.88 8.11
N ALA B 26 -17.04 -5.92 9.37
CA ALA B 26 -17.08 -4.74 10.24
C ALA B 26 -15.84 -4.65 11.12
N PHE B 27 -15.52 -5.73 11.82
CA PHE B 27 -14.33 -5.79 12.66
C PHE B 27 -14.15 -7.23 13.14
N TRP B 28 -13.06 -7.47 13.85
CA TRP B 28 -12.74 -8.75 14.42
C TRP B 28 -12.91 -8.66 15.94
N LEU B 29 -13.68 -9.59 16.50
CA LEU B 29 -13.63 -9.84 17.93
C LEU B 29 -12.37 -10.64 18.25
N VAL B 30 -11.60 -10.18 19.22
CA VAL B 30 -10.36 -10.81 19.58
C VAL B 30 -10.24 -10.90 21.11
N ALA B 31 -9.81 -12.08 21.57
CA ALA B 31 -9.60 -12.35 22.98
C ALA B 31 -8.39 -13.27 23.07
N GLU B 32 -7.91 -13.50 24.28
CA GLU B 32 -6.81 -14.41 24.55
C GLU B 32 -7.16 -15.30 25.72
N ASP B 33 -6.49 -16.44 25.77
CA ASP B 33 -6.75 -17.43 26.80
C ASP B 33 -5.43 -18.00 27.27
N GLN B 34 -5.16 -17.86 28.55
CA GLN B 34 -3.89 -18.32 29.17
C GLN B 34 -3.64 -19.83 29.01
N ASP B 35 -4.71 -20.63 28.89
CA ASP B 35 -4.55 -22.08 28.68
C ASP B 35 -4.41 -22.41 27.20
N ASN B 36 -4.51 -21.41 26.35
CA ASN B 36 -4.51 -21.65 24.92
C ASN B 36 -5.72 -22.46 24.39
N ASP B 37 -6.88 -22.30 25.03
CA ASP B 37 -8.08 -23.02 24.64
C ASP B 37 -8.63 -22.45 23.33
N PRO B 38 -9.29 -23.29 22.54
CA PRO B 38 -10.00 -22.77 21.38
C PRO B 38 -11.13 -21.93 21.91
N LEU B 39 -11.38 -20.82 21.25
CA LEU B 39 -12.33 -19.82 21.70
C LEU B 39 -13.43 -19.62 20.67
N THR B 40 -14.64 -19.39 21.14
CA THR B 40 -15.74 -19.08 20.27
C THR B 40 -16.40 -17.77 20.65
N TYR B 41 -16.93 -17.10 19.63
CA TYR B 41 -17.41 -15.73 19.75
C TYR B 41 -18.87 -15.58 19.35
N GLY B 42 -19.50 -14.58 19.95
CA GLY B 42 -20.93 -14.30 19.76
C GLY B 42 -21.26 -12.88 20.09
N MET B 43 -22.50 -12.49 19.82
CA MET B 43 -23.04 -11.20 20.19
C MET B 43 -24.51 -11.34 20.50
N SER B 44 -25.00 -10.57 21.45
CA SER B 44 -26.37 -10.66 21.89
C SER B 44 -26.93 -9.32 22.31
N GLY B 45 -28.26 -9.31 22.52
CA GLY B 45 -28.97 -8.16 23.00
C GLY B 45 -29.80 -7.49 21.89
N PRO B 46 -30.59 -6.46 22.26
CA PRO B 46 -31.55 -5.81 21.35
C PRO B 46 -30.96 -5.16 20.08
N ASN B 47 -29.66 -4.85 20.10
CA ASN B 47 -28.94 -4.32 18.95
C ASN B 47 -28.01 -5.32 18.25
N ALA B 48 -28.01 -6.58 18.68
CA ALA B 48 -27.15 -7.57 18.08
C ALA B 48 -27.50 -7.86 16.64
N TYR B 49 -28.75 -7.62 16.25
CA TYR B 49 -29.21 -7.86 14.88
C TYR B 49 -28.46 -7.00 13.82
N PHE B 50 -27.77 -5.95 14.24
CA PHE B 50 -26.91 -5.18 13.33
C PHE B 50 -25.73 -5.97 12.79
N PHE B 51 -25.36 -7.08 13.45
CA PHE B 51 -24.18 -7.83 13.10
C PHE B 51 -24.42 -9.35 13.04
N ALA B 52 -23.46 -10.06 12.44
CA ALA B 52 -23.42 -11.49 12.41
C ALA B 52 -21.99 -11.90 12.70
N VAL B 53 -21.79 -12.64 13.78
CA VAL B 53 -20.48 -13.05 14.22
C VAL B 53 -20.22 -14.44 13.65
N THR B 54 -19.03 -14.63 13.11
CA THR B 54 -18.55 -15.96 12.77
C THR B 54 -17.96 -16.59 14.04
N PRO B 55 -18.65 -17.57 14.61
CA PRO B 55 -18.24 -17.94 15.98
C PRO B 55 -16.83 -18.47 16.15
N LYS B 56 -16.37 -19.21 15.15
CA LYS B 56 -15.05 -19.86 15.26
C LYS B 56 -13.93 -18.86 15.14
N THR B 57 -14.09 -17.82 14.33
CA THR B 57 -12.95 -16.94 14.02
C THR B 57 -13.03 -15.57 14.73
N GLY B 58 -14.23 -15.14 15.10
CA GLY B 58 -14.40 -13.82 15.69
C GLY B 58 -14.71 -12.75 14.66
N GLU B 59 -14.77 -13.11 13.38
CA GLU B 59 -15.05 -12.12 12.34
C GLU B 59 -16.46 -11.60 12.51
N VAL B 60 -16.62 -10.28 12.48
CA VAL B 60 -17.94 -9.68 12.59
C VAL B 60 -18.30 -9.02 11.27
N LYS B 61 -19.47 -9.39 10.72
CA LYS B 61 -20.01 -8.79 9.50
C LYS B 61 -21.27 -7.98 9.79
N LEU B 62 -21.46 -6.90 9.07
CA LEU B 62 -22.65 -6.11 9.26
C LEU B 62 -23.83 -6.90 8.70
N ALA B 63 -24.90 -6.97 9.47
CA ALA B 63 -26.13 -7.66 9.07
C ALA B 63 -27.32 -6.74 8.87
N SER B 64 -27.22 -5.47 9.27
CA SER B 64 -28.31 -4.50 9.07
C SER B 64 -27.74 -3.09 9.01
N ALA B 65 -28.33 -2.25 8.17
CA ALA B 65 -27.72 -0.96 7.80
C ALA B 65 -27.60 -0.03 8.99
N LEU B 66 -26.44 0.64 9.10
CA LEU B 66 -26.19 1.70 10.04
C LEU B 66 -26.74 3.01 9.45
N ASP B 67 -26.92 4.01 10.30
CA ASP B 67 -27.23 5.39 9.87
C ASP B 67 -26.91 6.35 11.01
N TYR B 68 -25.91 7.21 10.82
CA TYR B 68 -25.50 8.21 11.78
C TYR B 68 -26.64 9.13 12.15
N GLU B 69 -27.49 9.44 11.19
CA GLU B 69 -28.57 10.42 11.41
C GLU B 69 -29.69 9.83 12.29
N THR B 70 -29.67 8.53 12.56
CA THR B 70 -30.77 7.80 13.23
C THR B 70 -30.35 7.21 14.55
N LEU B 71 -29.13 6.67 14.59
CA LEU B 71 -28.59 5.97 15.75
C LEU B 71 -27.07 6.11 15.66
N TYR B 72 -26.52 7.12 16.33
CA TYR B 72 -25.12 7.47 16.13
C TYR B 72 -24.17 6.73 17.02
N THR B 73 -24.69 6.17 18.10
CA THR B 73 -23.99 5.10 18.82
C THR B 73 -25.02 4.12 19.30
N PHE B 74 -24.56 2.91 19.63
CA PHE B 74 -25.37 1.95 20.36
C PHE B 74 -24.51 0.85 21.01
N LYS B 75 -25.10 0.15 21.96
CA LYS B 75 -24.35 -0.87 22.73
C LYS B 75 -24.74 -2.24 22.27
N VAL B 76 -23.79 -3.16 22.32
CA VAL B 76 -24.08 -4.56 22.12
C VAL B 76 -23.36 -5.36 23.15
N THR B 77 -23.84 -6.57 23.40
CA THR B 77 -23.15 -7.50 24.29
C THR B 77 -22.32 -8.40 23.41
N ILE B 78 -21.03 -8.46 23.74
CA ILE B 78 -20.14 -9.37 23.07
C ILE B 78 -19.71 -10.52 24.00
N SER B 79 -19.43 -11.67 23.39
CA SER B 79 -19.18 -12.87 24.15
C SER B 79 -17.98 -13.64 23.58
N VAL B 80 -17.14 -14.14 24.49
CA VAL B 80 -16.14 -15.12 24.13
C VAL B 80 -16.22 -16.31 25.12
N SER B 81 -16.06 -17.51 24.60
CA SER B 81 -16.18 -18.71 25.39
C SER B 81 -15.01 -19.62 25.12
N ASP B 82 -14.38 -20.14 26.17
CA ASP B 82 -13.51 -21.28 25.98
C ASP B 82 -14.42 -22.52 26.08
N PRO B 83 -13.87 -23.73 26.18
CA PRO B 83 -14.78 -24.89 26.33
C PRO B 83 -15.57 -24.93 27.63
N TYR B 84 -15.13 -24.19 28.65
CA TYR B 84 -15.60 -24.31 30.05
C TYR B 84 -16.40 -23.12 30.58
N ILE B 85 -16.13 -21.92 30.09
CA ILE B 85 -16.81 -20.74 30.59
C ILE B 85 -17.10 -19.71 29.50
N GLN B 86 -18.24 -19.02 29.64
CA GLN B 86 -18.67 -17.99 28.76
C GLN B 86 -18.38 -16.65 29.42
N VAL B 87 -17.77 -15.72 28.67
CA VAL B 87 -17.38 -14.40 29.18
C VAL B 87 -18.02 -13.31 28.29
N GLN B 88 -18.77 -12.39 28.90
CA GLN B 88 -19.56 -11.42 28.17
C GLN B 88 -19.25 -10.03 28.68
N ARG B 89 -19.25 -9.05 27.78
CA ARG B 89 -19.04 -7.63 28.12
C ARG B 89 -19.92 -6.78 27.23
N GLU B 90 -20.00 -5.48 27.54
CA GLU B 90 -20.59 -4.51 26.63
C GLU B 90 -19.53 -3.92 25.72
N MET B 91 -19.92 -3.73 24.46
CA MET B 91 -19.16 -2.94 23.52
C MET B 91 -19.99 -1.74 23.03
N LEU B 92 -19.37 -0.57 23.02
CA LEU B 92 -19.98 0.62 22.42
C LEU B 92 -19.66 0.69 20.90
N VAL B 93 -20.69 0.73 20.08
CA VAL B 93 -20.50 0.94 18.65
C VAL B 93 -20.65 2.44 18.37
N ILE B 94 -19.61 3.04 17.79
CA ILE B 94 -19.59 4.45 17.44
C ILE B 94 -19.69 4.56 15.94
N VAL B 95 -20.78 5.13 15.46
CA VAL B 95 -21.02 5.23 14.04
C VAL B 95 -20.46 6.56 13.56
N GLU B 96 -19.65 6.53 12.49
CA GLU B 96 -19.00 7.72 11.94
C GLU B 96 -19.88 8.30 10.81
N ASP B 97 -20.07 9.61 10.91
CA ASP B 97 -20.83 10.34 9.90
C ASP B 97 -20.11 10.28 8.55
N ARG B 98 -20.88 10.07 7.50
CA ARG B 98 -20.35 10.18 6.16
C ARG B 98 -21.24 11.21 5.42
N ASN B 99 -20.79 11.62 4.23
CA ASN B 99 -21.48 12.68 3.52
C ASN B 99 -22.61 12.13 2.65
N ASP B 100 -23.68 11.70 3.31
CA ASP B 100 -24.81 11.08 2.63
C ASP B 100 -26.07 11.96 2.52
N ASN B 101 -25.98 13.21 2.95
CA ASN B 101 -27.05 14.15 2.78
C ASN B 101 -26.63 15.37 1.99
N ALA B 102 -27.61 15.92 1.30
CA ALA B 102 -27.41 17.10 0.48
C ALA B 102 -28.07 18.29 1.18
N PRO B 103 -27.64 19.50 0.85
CA PRO B 103 -28.40 20.64 1.37
C PRO B 103 -29.83 20.67 0.84
N VAL B 104 -30.77 21.05 1.70
CA VAL B 104 -32.19 21.13 1.38
C VAL B 104 -32.66 22.59 1.67
N PHE B 105 -33.26 23.21 0.68
CA PHE B 105 -33.81 24.53 0.86
C PHE B 105 -35.05 24.50 1.73
N GLN B 106 -35.13 25.44 2.67
CA GLN B 106 -36.24 25.47 3.64
C GLN B 106 -37.46 26.18 3.11
N ASN B 107 -37.22 27.30 2.44
CA ASN B 107 -38.23 28.22 1.92
C ASN B 107 -39.39 27.53 1.20
N THR B 108 -40.62 28.00 1.41
CA THR B 108 -41.77 27.61 0.56
C THR B 108 -41.74 28.49 -0.70
N ALA B 109 -41.81 29.80 -0.47
CA ALA B 109 -41.98 30.75 -1.57
C ALA B 109 -40.64 31.22 -2.18
N PHE B 110 -40.63 31.37 -3.50
CA PHE B 110 -39.45 31.88 -4.23
C PHE B 110 -39.81 32.89 -5.29
N SER B 111 -40.51 33.93 -4.88
CA SER B 111 -40.75 35.04 -5.75
C SER B 111 -40.78 36.33 -4.96
N THR B 112 -40.45 37.41 -5.66
CA THR B 112 -40.50 38.71 -5.09
C THR B 112 -40.64 39.73 -6.20
N SER B 113 -40.88 40.95 -5.81
CA SER B 113 -41.08 42.03 -6.72
C SER B 113 -40.23 43.18 -6.22
N ILE B 114 -39.46 43.79 -7.10
CA ILE B 114 -38.59 44.89 -6.69
C ILE B 114 -38.70 46.07 -7.63
N ASN B 115 -38.63 47.26 -7.05
CA ASN B 115 -38.67 48.49 -7.79
C ASN B 115 -37.39 48.68 -8.58
N GLU B 116 -37.51 49.21 -9.81
CA GLU B 116 -36.34 49.34 -10.68
C GLU B 116 -35.28 50.33 -10.18
N THR B 117 -35.64 51.23 -9.27
CA THR B 117 -34.68 52.22 -8.73
C THR B 117 -34.05 51.73 -7.41
N LEU B 118 -34.28 50.46 -7.07
CA LEU B 118 -33.69 49.89 -5.88
C LEU B 118 -32.18 50.06 -5.94
N PRO B 119 -31.56 50.68 -4.91
CA PRO B 119 -30.15 50.95 -5.05
C PRO B 119 -29.28 49.69 -5.07
N VAL B 120 -28.16 49.80 -5.77
CA VAL B 120 -27.16 48.76 -5.83
C VAL B 120 -26.62 48.50 -4.43
N GLY B 121 -26.55 47.21 -4.07
CA GLY B 121 -26.18 46.78 -2.73
C GLY B 121 -27.38 46.35 -1.92
N SER B 122 -28.59 46.64 -2.39
CA SER B 122 -29.79 46.26 -1.61
C SER B 122 -29.92 44.76 -1.50
N VAL B 123 -30.37 44.29 -0.33
CA VAL B 123 -30.82 42.89 -0.20
C VAL B 123 -32.15 42.71 -0.92
N VAL B 124 -32.22 41.73 -1.80
CA VAL B 124 -33.38 41.50 -2.66
C VAL B 124 -34.25 40.32 -2.15
N PHE B 125 -33.58 39.29 -1.63
CA PHE B 125 -34.22 38.09 -1.19
C PHE B 125 -33.24 37.35 -0.30
N SER B 126 -33.76 36.42 0.47
CA SER B 126 -32.95 35.62 1.34
C SER B 126 -33.37 34.13 1.23
N VAL B 127 -32.39 33.25 1.06
CA VAL B 127 -32.66 31.82 1.02
C VAL B 127 -31.87 31.12 2.09
N LEU B 128 -32.32 29.92 2.43
CA LEU B 128 -31.66 29.11 3.44
C LEU B 128 -31.71 27.65 3.02
N ALA B 129 -30.56 27.00 3.03
CA ALA B 129 -30.49 25.57 2.87
C ALA B 129 -29.77 24.94 4.04
N VAL B 130 -30.26 23.81 4.50
CA VAL B 130 -29.65 23.09 5.60
C VAL B 130 -29.21 21.67 5.17
N ASP B 131 -28.06 21.27 5.65
CA ASP B 131 -27.52 19.93 5.41
C ASP B 131 -27.30 19.24 6.76
N LYS B 132 -27.87 18.05 6.93
CA LYS B 132 -27.80 17.30 8.19
C LYS B 132 -26.43 16.82 8.64
N ASP B 133 -25.52 16.63 7.71
CA ASP B 133 -24.25 16.05 8.02
C ASP B 133 -23.43 16.95 8.92
N MET B 134 -22.41 16.39 9.55
CA MET B 134 -21.50 17.09 10.46
C MET B 134 -20.28 17.67 9.73
N GLY B 135 -19.66 18.68 10.34
CA GLY B 135 -18.41 19.25 9.87
C GLY B 135 -18.59 19.87 8.49
N SER B 136 -17.59 19.70 7.64
CA SER B 136 -17.59 20.29 6.32
C SER B 136 -18.70 19.70 5.49
N ALA B 137 -19.03 18.43 5.76
CA ALA B 137 -20.05 17.75 5.00
C ALA B 137 -21.45 18.37 5.18
N GLY B 138 -21.58 19.16 6.24
CA GLY B 138 -22.78 19.91 6.52
C GLY B 138 -22.70 21.42 6.30
N MET B 139 -21.53 21.95 5.91
CA MET B 139 -21.37 23.40 5.67
C MET B 139 -21.85 23.74 4.27
N VAL B 140 -22.74 24.71 4.20
CA VAL B 140 -23.45 25.01 2.98
C VAL B 140 -22.82 26.24 2.31
N VAL B 141 -22.53 26.14 1.01
CA VAL B 141 -22.24 27.29 0.18
C VAL B 141 -23.24 27.47 -0.95
N TYR B 142 -23.58 28.72 -1.20
CA TYR B 142 -24.67 29.08 -2.14
C TYR B 142 -24.10 29.58 -3.45
N SER B 143 -24.79 29.36 -4.55
CA SER B 143 -24.33 29.87 -5.82
C SER B 143 -25.53 30.28 -6.66
N ILE B 144 -25.33 31.31 -7.48
CA ILE B 144 -26.26 31.60 -8.56
C ILE B 144 -25.77 30.84 -9.78
N GLU B 145 -26.51 29.86 -10.25
CA GLU B 145 -26.06 29.00 -11.35
C GLU B 145 -26.40 29.58 -12.70
N LYS B 146 -27.48 30.34 -12.77
CA LYS B 146 -27.92 30.84 -14.05
C LYS B 146 -28.86 32.00 -13.84
N VAL B 147 -28.77 32.98 -14.75
CA VAL B 147 -29.69 34.07 -14.79
C VAL B 147 -30.36 34.18 -16.18
N ILE B 148 -31.66 34.38 -16.16
CA ILE B 148 -32.47 34.58 -17.33
C ILE B 148 -33.25 35.86 -17.17
N PRO B 149 -33.22 36.77 -18.15
CA PRO B 149 -32.45 36.65 -19.40
C PRO B 149 -30.93 36.70 -19.20
N SER B 150 -30.19 36.14 -20.17
CA SER B 150 -28.74 35.97 -20.12
C SER B 150 -28.01 37.01 -20.96
N THR B 151 -28.18 38.29 -20.66
CA THR B 151 -27.35 39.30 -21.34
C THR B 151 -25.92 39.36 -20.72
N GLY B 152 -25.06 40.14 -21.36
CA GLY B 152 -23.75 40.59 -20.80
C GLY B 152 -23.87 41.25 -19.42
N ASP B 153 -24.89 42.10 -19.35
CA ASP B 153 -25.35 42.68 -18.10
C ASP B 153 -25.70 41.63 -17.00
N SER B 154 -26.66 40.75 -17.31
CA SER B 154 -27.42 40.02 -16.29
C SER B 154 -26.59 39.09 -15.40
N GLU B 155 -25.50 38.54 -15.94
CA GLU B 155 -24.60 37.66 -15.16
C GLU B 155 -23.98 38.35 -13.92
N HIS B 156 -23.87 39.68 -13.95
CA HIS B 156 -23.22 40.47 -12.91
C HIS B 156 -24.23 41.26 -12.10
N LEU B 157 -25.51 40.99 -12.31
CA LEU B 157 -26.56 41.79 -11.72
C LEU B 157 -26.89 41.42 -10.26
N PHE B 158 -26.68 40.16 -9.89
CA PHE B 158 -27.01 39.70 -8.56
C PHE B 158 -25.85 38.94 -7.99
N ARG B 159 -25.72 38.96 -6.66
CA ARG B 159 -24.74 38.16 -5.95
C ARG B 159 -25.44 37.52 -4.80
N ILE B 160 -25.02 36.32 -4.46
CA ILE B 160 -25.50 35.68 -3.26
C ILE B 160 -24.39 35.59 -2.25
N LEU B 161 -24.68 35.97 -1.02
CA LEU B 161 -23.68 36.00 0.06
C LEU B 161 -23.71 34.71 0.87
N ALA B 162 -22.70 34.53 1.71
CA ALA B 162 -22.52 33.24 2.46
C ALA B 162 -23.68 32.87 3.36
N ASN B 163 -24.43 33.87 3.82
CA ASN B 163 -25.59 33.63 4.66
C ASN B 163 -26.90 33.44 3.87
N GLY B 164 -26.80 33.33 2.56
CA GLY B 164 -27.97 33.12 1.72
C GLY B 164 -28.72 34.37 1.25
N SER B 165 -28.23 35.56 1.60
CA SER B 165 -28.86 36.78 1.10
C SER B 165 -28.42 37.06 -0.30
N ILE B 166 -29.37 37.37 -1.14
CA ILE B 166 -29.11 37.77 -2.52
C ILE B 166 -29.15 39.30 -2.56
N VAL B 167 -28.08 39.90 -3.11
CA VAL B 167 -27.96 41.34 -3.22
C VAL B 167 -27.96 41.82 -4.69
N LEU B 168 -28.47 43.03 -4.88
CA LEU B 168 -28.44 43.67 -6.17
C LEU B 168 -27.03 44.19 -6.41
N ASN B 169 -26.46 43.81 -7.53
CA ASN B 169 -25.09 44.14 -7.85
C ASN B 169 -24.92 45.06 -9.07
N GLY B 170 -26.01 45.46 -9.70
CA GLY B 170 -25.98 46.46 -10.78
C GLY B 170 -27.37 47.08 -10.88
N SER B 171 -27.58 48.04 -11.77
CA SER B 171 -28.85 48.75 -11.80
C SER B 171 -29.86 48.00 -12.63
N LEU B 172 -31.13 48.15 -12.26
CA LEU B 172 -32.25 47.60 -13.00
C LEU B 172 -32.86 48.61 -13.99
N SER B 173 -33.65 48.10 -14.92
CA SER B 173 -34.50 48.93 -15.82
C SER B 173 -35.58 48.05 -16.48
N TYR B 174 -36.84 48.25 -16.06
CA TYR B 174 -38.01 47.59 -16.66
C TYR B 174 -38.02 47.72 -18.18
N ASN B 175 -37.78 48.95 -18.66
CA ASN B 175 -37.92 49.31 -20.09
C ASN B 175 -36.68 48.89 -20.90
N ASN B 176 -35.47 49.12 -20.37
CA ASN B 176 -34.21 48.99 -21.14
C ASN B 176 -33.31 47.77 -20.86
N LYS B 177 -33.62 47.01 -19.81
CA LYS B 177 -32.90 45.75 -19.51
C LYS B 177 -33.85 44.59 -19.45
N SER B 178 -34.69 44.52 -18.41
CA SER B 178 -35.66 43.46 -18.32
C SER B 178 -36.74 43.78 -17.30
N ALA B 179 -37.95 43.32 -17.60
CA ALA B 179 -39.07 43.37 -16.65
C ALA B 179 -39.01 42.24 -15.62
N PHE B 180 -38.11 41.28 -15.78
CA PHE B 180 -37.98 40.20 -14.82
C PHE B 180 -36.64 39.50 -14.86
N TYR B 181 -36.35 38.72 -13.83
CA TYR B 181 -35.24 37.80 -13.85
C TYR B 181 -35.64 36.52 -13.18
N GLN B 182 -35.13 35.40 -13.72
CA GLN B 182 -35.21 34.14 -13.00
C GLN B 182 -33.83 33.71 -12.64
N LEU B 183 -33.60 33.53 -11.35
CA LEU B 183 -32.31 33.10 -10.83
C LEU B 183 -32.42 31.65 -10.45
N GLU B 184 -31.52 30.83 -11.00
CA GLU B 184 -31.39 29.48 -10.58
C GLU B 184 -30.34 29.46 -9.48
N LEU B 185 -30.69 28.89 -8.34
CA LEU B 185 -29.79 28.80 -7.20
C LEU B 185 -29.47 27.35 -6.88
N LYS B 186 -28.29 27.15 -6.35
CA LYS B 186 -27.86 25.86 -5.87
C LYS B 186 -27.18 26.05 -4.48
N ALA B 187 -27.28 25.01 -3.68
CA ALA B 187 -26.52 24.92 -2.46
C ALA B 187 -25.76 23.60 -2.43
N CYS B 188 -24.49 23.65 -2.05
CA CYS B 188 -23.63 22.47 -1.97
C CYS B 188 -22.90 22.44 -0.64
N ASP B 189 -22.51 21.24 -0.18
CA ASP B 189 -21.70 21.16 1.03
C ASP B 189 -20.26 21.34 0.63
N LEU B 190 -19.35 21.34 1.60
CA LEU B 190 -17.90 21.43 1.31
C LEU B 190 -17.28 20.05 1.21
N GLY B 191 -18.10 19.00 1.28
CA GLY B 191 -17.64 17.66 0.97
C GLY B 191 -17.21 16.85 2.19
N GLY B 192 -17.06 15.54 1.95
CA GLY B 192 -16.51 14.58 2.90
C GLY B 192 -16.65 13.21 2.30
N MET B 193 -16.24 12.18 3.04
CA MET B 193 -16.26 10.81 2.53
C MET B 193 -17.67 10.29 2.44
N TYR B 194 -17.95 9.62 1.33
CA TYR B 194 -19.15 8.84 1.17
C TYR B 194 -18.88 7.76 0.12
N HIS B 195 -19.25 6.52 0.45
CA HIS B 195 -19.01 5.40 -0.42
C HIS B 195 -17.54 5.30 -0.79
N ASN B 196 -16.68 5.61 0.18
CA ASN B 196 -15.25 5.39 0.05
C ASN B 196 -14.51 6.42 -0.74
N THR B 197 -15.18 7.51 -1.06
CA THR B 197 -14.54 8.52 -1.92
C THR B 197 -14.96 9.93 -1.48
N PHE B 198 -14.10 10.90 -1.74
CA PHE B 198 -14.42 12.28 -1.46
C PHE B 198 -15.65 12.70 -2.30
N THR B 199 -16.66 13.22 -1.64
CA THR B 199 -18.00 13.38 -2.23
C THR B 199 -18.52 14.75 -1.89
N ILE B 200 -18.95 15.50 -2.88
CA ILE B 200 -19.64 16.78 -2.62
C ILE B 200 -21.08 16.65 -3.00
N GLN B 201 -21.99 16.98 -2.07
CA GLN B 201 -23.42 16.89 -2.33
C GLN B 201 -24.03 18.26 -2.61
N CYS B 202 -24.90 18.32 -3.62
CA CYS B 202 -25.56 19.55 -4.01
C CYS B 202 -27.07 19.38 -3.97
N SER B 203 -27.78 20.44 -3.58
CA SER B 203 -29.26 20.46 -3.60
C SER B 203 -29.78 20.29 -5.01
N LEU B 204 -31.05 19.94 -5.07
CA LEU B 204 -31.87 20.21 -6.24
C LEU B 204 -31.81 21.72 -6.54
N PRO B 205 -32.00 22.09 -7.81
CA PRO B 205 -32.01 23.49 -8.13
C PRO B 205 -33.29 24.14 -7.64
N VAL B 206 -33.18 25.41 -7.21
CA VAL B 206 -34.33 26.24 -6.93
C VAL B 206 -34.32 27.48 -7.78
N PHE B 207 -35.51 27.99 -8.04
CA PHE B 207 -35.70 29.11 -8.94
C PHE B 207 -36.37 30.24 -8.21
N LEU B 208 -35.68 31.39 -8.21
CA LEU B 208 -36.25 32.64 -7.68
C LEU B 208 -36.79 33.52 -8.83
N SER B 209 -38.06 33.86 -8.77
CA SER B 209 -38.68 34.76 -9.77
C SER B 209 -38.68 36.19 -9.25
N ILE B 210 -38.06 37.08 -10.01
CA ILE B 210 -37.98 38.47 -9.65
C ILE B 210 -38.69 39.29 -10.70
N SER B 211 -39.77 39.95 -10.29
CA SER B 211 -40.48 40.94 -11.12
C SER B 211 -39.93 42.32 -10.81
N VAL B 212 -39.59 43.05 -11.87
CA VAL B 212 -39.09 44.41 -11.78
C VAL B 212 -40.24 45.38 -12.04
N VAL B 213 -40.49 46.29 -11.11
CA VAL B 213 -41.56 47.30 -11.26
C VAL B 213 -41.02 48.57 -11.94
N ASP B 214 -41.64 48.97 -13.06
CA ASP B 214 -41.35 50.25 -13.75
C ASP B 214 -41.80 51.40 -12.83
N GLN B 215 -41.01 52.47 -12.77
CA GLN B 215 -41.40 53.67 -12.02
C GLN B 215 -41.24 54.89 -12.91
N PRO B 216 -42.29 55.24 -13.71
CA PRO B 216 -42.25 56.38 -14.66
C PRO B 216 -41.91 57.72 -14.06
N ASN C 2 -18.70 33.65 -30.36
CA ASN C 2 -18.67 32.64 -29.23
C ASN C 2 -17.28 32.12 -28.86
N VAL C 3 -17.03 31.98 -27.56
CA VAL C 3 -15.83 31.33 -27.04
C VAL C 3 -16.16 29.92 -26.54
N ALA C 4 -15.31 28.97 -26.95
CA ALA C 4 -15.52 27.58 -26.57
C ALA C 4 -15.28 27.42 -25.06
N PRO C 5 -16.10 26.60 -24.40
CA PRO C 5 -15.80 26.23 -23.01
C PRO C 5 -14.54 25.39 -22.89
N LYS C 6 -14.01 25.36 -21.67
CA LYS C 6 -12.72 24.78 -21.36
C LYS C 6 -12.83 24.07 -20.00
N PHE C 7 -12.46 22.81 -19.96
CA PHE C 7 -12.31 22.09 -18.71
C PHE C 7 -11.25 22.71 -17.81
N LEU C 8 -11.50 22.69 -16.51
CA LEU C 8 -10.48 23.12 -15.56
C LEU C 8 -9.26 22.23 -15.66
N ALA C 9 -8.12 22.79 -15.29
CA ALA C 9 -6.81 22.10 -15.36
C ALA C 9 -6.76 20.70 -14.68
N ASN C 10 -7.49 20.50 -13.58
CA ASN C 10 -7.47 19.21 -12.90
C ASN C 10 -8.38 18.11 -13.51
N MET C 11 -9.00 18.38 -14.67
CA MET C 11 -9.80 17.38 -15.37
C MET C 11 -8.97 16.42 -16.23
N THR C 12 -7.65 16.47 -16.15
CA THR C 12 -6.80 15.51 -16.89
C THR C 12 -6.83 14.09 -16.28
N SER C 13 -7.05 14.01 -14.96
CA SER C 13 -7.11 12.72 -14.27
C SER C 13 -8.02 12.75 -13.07
N VAL C 14 -8.41 11.55 -12.64
CA VAL C 14 -9.14 11.35 -11.40
C VAL C 14 -8.73 10.05 -10.73
N ILE C 15 -8.70 10.06 -9.41
CA ILE C 15 -8.34 8.89 -8.60
C ILE C 15 -9.57 8.35 -7.91
N LEU C 16 -9.85 7.07 -8.06
CA LEU C 16 -11.02 6.45 -7.49
C LEU C 16 -10.63 5.12 -6.83
N PRO C 17 -11.28 4.78 -5.72
CA PRO C 17 -11.05 3.47 -5.10
C PRO C 17 -11.78 2.35 -5.81
N GLU C 18 -11.16 1.18 -5.84
CA GLU C 18 -11.72 0.05 -6.59
C GLU C 18 -13.03 -0.48 -6.00
N ASP C 19 -13.29 -0.20 -4.71
CA ASP C 19 -14.53 -0.57 -4.05
C ASP C 19 -15.67 0.47 -4.14
N LEU C 20 -15.53 1.47 -5.00
CA LEU C 20 -16.61 2.43 -5.19
C LEU C 20 -17.85 1.68 -5.66
N PRO C 21 -18.99 1.81 -4.96
CA PRO C 21 -20.16 1.06 -5.40
C PRO C 21 -20.81 1.67 -6.63
N VAL C 22 -21.35 0.80 -7.46
CA VAL C 22 -22.13 1.23 -8.60
C VAL C 22 -23.29 2.08 -8.11
N GLY C 23 -23.52 3.21 -8.75
CA GLY C 23 -24.54 4.17 -8.32
C GLY C 23 -24.01 5.35 -7.53
N ALA C 24 -22.82 5.23 -6.95
CA ALA C 24 -22.26 6.28 -6.12
C ALA C 24 -21.69 7.38 -6.95
N GLN C 25 -21.67 8.59 -6.39
CA GLN C 25 -20.89 9.67 -6.97
C GLN C 25 -19.43 9.29 -7.06
N ALA C 26 -18.86 9.50 -8.24
CA ALA C 26 -17.44 9.28 -8.48
C ALA C 26 -16.67 10.58 -8.41
N PHE C 27 -17.10 11.56 -9.17
CA PHE C 27 -16.46 12.88 -9.17
C PHE C 27 -17.35 13.85 -9.94
N TRP C 28 -16.93 15.13 -9.97
CA TRP C 28 -17.59 16.19 -10.71
C TRP C 28 -16.75 16.60 -11.94
N LEU C 29 -17.38 16.61 -13.12
CA LEU C 29 -16.80 17.28 -14.29
C LEU C 29 -17.07 18.77 -14.18
N VAL C 30 -16.02 19.57 -14.35
CA VAL C 30 -16.12 21.02 -14.19
C VAL C 30 -15.37 21.71 -15.32
N ALA C 31 -16.04 22.70 -15.91
CA ALA C 31 -15.46 23.52 -16.96
C ALA C 31 -15.95 24.93 -16.74
N GLU C 32 -15.40 25.87 -17.50
CA GLU C 32 -15.78 27.29 -17.45
C GLU C 32 -15.95 27.81 -18.87
N ASP C 33 -16.72 28.89 -19.00
CA ASP C 33 -17.01 29.45 -20.30
C ASP C 33 -16.94 30.95 -20.20
N GLN C 34 -16.07 31.56 -21.00
CA GLN C 34 -15.85 33.01 -21.00
C GLN C 34 -17.12 33.83 -21.33
N ASP C 35 -18.10 33.25 -22.04
CA ASP C 35 -19.38 33.93 -22.29
C ASP C 35 -20.41 33.66 -21.19
N ASN C 36 -20.04 32.84 -20.22
CA ASN C 36 -20.97 32.44 -19.19
C ASN C 36 -22.17 31.62 -19.69
N ASP C 37 -21.97 30.84 -20.76
CA ASP C 37 -23.02 30.03 -21.31
C ASP C 37 -23.36 28.88 -20.36
N PRO C 38 -24.63 28.48 -20.28
CA PRO C 38 -24.93 27.19 -19.66
C PRO C 38 -24.22 26.04 -20.39
N LEU C 39 -23.67 25.13 -19.60
CA LEU C 39 -22.81 24.07 -20.10
C LEU C 39 -23.43 22.71 -19.82
N THR C 40 -23.25 21.79 -20.75
CA THR C 40 -23.63 20.42 -20.54
C THR C 40 -22.48 19.45 -20.73
N TYR C 41 -22.55 18.35 -19.97
CA TYR C 41 -21.46 17.41 -19.86
C TYR C 41 -21.83 15.99 -20.33
N GLY C 42 -20.81 15.27 -20.75
CA GLY C 42 -20.95 13.90 -21.23
C GLY C 42 -19.64 13.14 -21.21
N MET C 43 -19.73 11.84 -21.54
CA MET C 43 -18.56 10.99 -21.61
C MET C 43 -18.79 9.96 -22.70
N SER C 44 -17.73 9.59 -23.39
CA SER C 44 -17.84 8.65 -24.49
C SER C 44 -16.59 7.81 -24.65
N GLY C 45 -16.69 6.83 -25.54
CA GLY C 45 -15.60 5.93 -25.86
C GLY C 45 -15.80 4.54 -25.23
N PRO C 46 -14.88 3.62 -25.52
CA PRO C 46 -15.02 2.23 -25.14
C PRO C 46 -15.10 1.97 -23.65
N ASN C 47 -14.56 2.90 -22.86
CA ASN C 47 -14.56 2.79 -21.39
C ASN C 47 -15.59 3.69 -20.71
N ALA C 48 -16.41 4.38 -21.51
CA ALA C 48 -17.41 5.26 -20.95
C ALA C 48 -18.47 4.52 -20.13
N TYR C 49 -18.69 3.24 -20.43
CA TYR C 49 -19.69 2.42 -19.77
C TYR C 49 -19.44 2.25 -18.27
N PHE C 50 -18.21 2.52 -17.81
CA PHE C 50 -17.91 2.58 -16.36
C PHE C 50 -18.64 3.69 -15.61
N PHE C 51 -19.09 4.73 -16.33
CA PHE C 51 -19.71 5.93 -15.69
C PHE C 51 -21.03 6.37 -16.34
N ALA C 52 -21.73 7.21 -15.61
CA ALA C 52 -22.93 7.89 -16.11
C ALA C 52 -22.86 9.35 -15.67
N VAL C 53 -22.82 10.26 -16.64
CA VAL C 53 -22.71 11.67 -16.39
C VAL C 53 -24.11 12.30 -16.33
N THR C 54 -24.34 13.16 -15.34
CA THR C 54 -25.55 13.97 -15.27
C THR C 54 -25.30 15.20 -16.10
N PRO C 55 -25.94 15.29 -17.28
CA PRO C 55 -25.42 16.27 -18.24
C PRO C 55 -25.53 17.72 -17.81
N LYS C 56 -26.58 18.07 -17.07
CA LYS C 56 -26.77 19.45 -16.63
C LYS C 56 -25.74 19.87 -15.58
N THR C 57 -25.36 18.96 -14.66
CA THR C 57 -24.58 19.39 -13.48
C THR C 57 -23.11 19.00 -13.55
N GLY C 58 -22.77 18.02 -14.37
CA GLY C 58 -21.41 17.53 -14.43
C GLY C 58 -21.13 16.45 -13.40
N GLU C 59 -22.13 16.03 -12.63
CA GLU C 59 -21.93 14.96 -11.63
C GLU C 59 -21.69 13.63 -12.35
N VAL C 60 -20.66 12.91 -11.93
CA VAL C 60 -20.37 11.62 -12.54
C VAL C 60 -20.58 10.51 -11.51
N LYS C 61 -21.38 9.53 -11.89
CA LYS C 61 -21.66 8.39 -11.04
C LYS C 61 -21.08 7.12 -11.67
N LEU C 62 -20.65 6.19 -10.84
CA LEU C 62 -20.11 4.92 -11.34
C LEU C 62 -21.27 4.10 -11.86
N ALA C 63 -21.11 3.56 -13.07
CA ALA C 63 -22.13 2.71 -13.69
C ALA C 63 -21.71 1.24 -13.84
N SER C 64 -20.44 0.92 -13.63
CA SER C 64 -19.96 -0.45 -13.70
C SER C 64 -18.74 -0.60 -12.80
N ALA C 65 -18.63 -1.76 -12.18
CA ALA C 65 -17.66 -1.95 -11.09
C ALA C 65 -16.26 -1.77 -11.61
N LEU C 66 -15.45 -1.07 -10.81
CA LEU C 66 -14.00 -1.01 -10.96
C LEU C 66 -13.36 -2.26 -10.34
N ASP C 67 -12.13 -2.54 -10.70
CA ASP C 67 -11.34 -3.60 -10.04
C ASP C 67 -9.86 -3.38 -10.31
N TYR C 68 -9.13 -3.02 -9.25
CA TYR C 68 -7.68 -2.75 -9.34
C TYR C 68 -6.96 -3.97 -9.90
N GLU C 69 -7.44 -5.17 -9.56
CA GLU C 69 -6.78 -6.41 -9.92
C GLU C 69 -6.92 -6.70 -11.43
N THR C 70 -7.77 -5.95 -12.13
CA THR C 70 -8.12 -6.22 -13.54
C THR C 70 -7.73 -5.09 -14.49
N LEU C 71 -7.95 -3.85 -14.07
CA LEU C 71 -7.75 -2.66 -14.90
C LEU C 71 -7.44 -1.52 -13.91
N TYR C 72 -6.15 -1.27 -13.70
CA TYR C 72 -5.72 -0.36 -12.65
C TYR C 72 -5.64 1.12 -13.11
N THR C 73 -5.61 1.36 -14.41
CA THR C 73 -5.93 2.65 -15.00
C THR C 73 -6.59 2.47 -16.37
N PHE C 74 -7.30 3.49 -16.82
CA PHE C 74 -7.87 3.52 -18.17
C PHE C 74 -8.26 4.95 -18.56
N LYS C 75 -8.47 5.15 -19.87
CA LYS C 75 -8.79 6.49 -20.38
C LYS C 75 -10.26 6.56 -20.81
N VAL C 76 -10.85 7.74 -20.66
CA VAL C 76 -12.18 8.01 -21.19
C VAL C 76 -12.18 9.35 -21.90
N THR C 77 -13.14 9.55 -22.78
CA THR C 77 -13.34 10.83 -23.41
C THR C 77 -14.41 11.60 -22.64
N ILE C 78 -14.05 12.80 -22.22
CA ILE C 78 -14.98 13.68 -21.54
C ILE C 78 -15.35 14.85 -22.42
N SER C 79 -16.56 15.32 -22.26
CA SER C 79 -17.14 16.31 -23.13
C SER C 79 -17.80 17.42 -22.33
N VAL C 80 -17.60 18.65 -22.77
CA VAL C 80 -18.41 19.77 -22.33
C VAL C 80 -18.89 20.59 -23.52
N SER C 81 -20.13 21.03 -23.46
CA SER C 81 -20.74 21.74 -24.59
C SER C 81 -21.39 23.01 -24.06
N ASP C 82 -21.15 24.13 -24.73
CA ASP C 82 -22.04 25.27 -24.56
C ASP C 82 -23.20 25.10 -25.57
N PRO C 83 -24.04 26.12 -25.78
CA PRO C 83 -25.13 25.95 -26.77
C PRO C 83 -24.66 25.79 -28.22
N TYR C 84 -23.43 26.17 -28.52
CA TYR C 84 -22.92 26.31 -29.91
C TYR C 84 -21.85 25.30 -30.29
N ILE C 85 -21.04 24.84 -29.33
CA ILE C 85 -19.95 23.96 -29.68
C ILE C 85 -19.71 22.87 -28.61
N GLN C 86 -19.29 21.70 -29.08
CA GLN C 86 -18.93 20.58 -28.25
C GLN C 86 -17.42 20.47 -28.14
N VAL C 87 -16.90 20.28 -26.93
CA VAL C 87 -15.47 20.23 -26.66
C VAL C 87 -15.17 18.92 -25.94
N GLN C 88 -14.21 18.18 -26.46
CA GLN C 88 -13.91 16.84 -25.96
C GLN C 88 -12.43 16.71 -25.69
N ARG C 89 -12.07 15.97 -24.64
CA ARG C 89 -10.67 15.68 -24.35
C ARG C 89 -10.60 14.32 -23.60
N GLU C 90 -9.39 13.85 -23.35
CA GLU C 90 -9.17 12.58 -22.65
C GLU C 90 -8.92 12.80 -21.18
N MET C 91 -9.50 11.93 -20.36
CA MET C 91 -9.23 11.86 -18.93
C MET C 91 -8.67 10.50 -18.53
N LEU C 92 -7.62 10.50 -17.72
CA LEU C 92 -7.06 9.26 -17.16
C LEU C 92 -7.77 8.91 -15.86
N VAL C 93 -8.36 7.73 -15.80
CA VAL C 93 -8.86 7.21 -14.55
C VAL C 93 -7.80 6.35 -13.85
N ILE C 94 -7.48 6.70 -12.60
CA ILE C 94 -6.52 5.97 -11.79
C ILE C 94 -7.28 5.29 -10.70
N VAL C 95 -7.23 3.95 -10.69
CA VAL C 95 -7.93 3.13 -9.70
C VAL C 95 -7.01 2.77 -8.53
N GLU C 96 -7.49 2.92 -7.29
CA GLU C 96 -6.72 2.59 -6.08
C GLU C 96 -7.04 1.20 -5.52
N ASP C 97 -6.01 0.47 -5.08
CA ASP C 97 -6.17 -0.85 -4.47
C ASP C 97 -6.80 -0.78 -3.07
N ARG C 98 -7.69 -1.70 -2.80
CA ARG C 98 -8.29 -1.83 -1.50
C ARG C 98 -8.15 -3.32 -1.08
N ASN C 99 -8.39 -3.63 0.20
CA ASN C 99 -8.16 -4.98 0.72
C ASN C 99 -9.33 -5.95 0.49
N ASP C 100 -9.55 -6.32 -0.76
CA ASP C 100 -10.73 -7.09 -1.18
C ASP C 100 -10.39 -8.55 -1.56
N ASN C 101 -9.15 -8.96 -1.37
CA ASN C 101 -8.75 -10.36 -1.51
C ASN C 101 -8.15 -10.97 -0.21
N ALA C 102 -8.33 -12.28 -0.09
CA ALA C 102 -7.81 -13.05 1.03
C ALA C 102 -6.61 -13.88 0.55
N PRO C 103 -5.72 -14.27 1.45
CA PRO C 103 -4.74 -15.26 1.03
C PRO C 103 -5.36 -16.61 0.61
N VAL C 104 -4.82 -17.20 -0.45
CA VAL C 104 -5.36 -18.44 -1.04
C VAL C 104 -4.21 -19.44 -1.06
N PHE C 105 -4.43 -20.60 -0.45
CA PHE C 105 -3.42 -21.67 -0.47
C PHE C 105 -3.29 -22.28 -1.86
N GLN C 106 -2.06 -22.45 -2.32
CA GLN C 106 -1.78 -22.93 -3.68
C GLN C 106 -1.82 -24.43 -3.77
N ASN C 107 -1.20 -25.11 -2.81
CA ASN C 107 -1.20 -26.58 -2.96
C ASN C 107 -2.59 -27.07 -2.51
N THR C 108 -2.92 -28.27 -2.93
CA THR C 108 -4.16 -28.94 -2.54
C THR C 108 -4.05 -30.41 -1.95
N ALA C 109 -2.85 -31.04 -2.01
CA ALA C 109 -2.53 -32.17 -1.09
C ALA C 109 -1.94 -31.65 0.23
N PHE C 110 -2.43 -32.22 1.32
CA PHE C 110 -2.02 -31.84 2.66
C PHE C 110 -1.86 -33.05 3.57
N SER C 111 -0.98 -33.96 3.17
CA SER C 111 -0.60 -35.05 4.05
C SER C 111 0.83 -35.48 3.82
N THR C 112 1.41 -36.01 4.87
CA THR C 112 2.75 -36.52 4.82
C THR C 112 2.95 -37.56 5.89
N SER C 113 4.09 -38.20 5.81
CA SER C 113 4.46 -39.22 6.74
C SER C 113 5.89 -38.90 7.18
N ILE C 114 6.15 -38.91 8.48
CA ILE C 114 7.50 -38.69 8.97
C ILE C 114 7.95 -39.71 10.00
N ASN C 115 9.23 -40.04 9.94
CA ASN C 115 9.84 -40.98 10.84
C ASN C 115 9.96 -40.36 12.23
N GLU C 116 9.74 -41.17 13.27
CA GLU C 116 9.70 -40.65 14.64
C GLU C 116 11.06 -40.13 15.14
N THR C 117 12.16 -40.53 14.49
CA THR C 117 13.50 -40.07 14.90
C THR C 117 13.96 -38.86 14.10
N LEU C 118 13.05 -38.27 13.32
CA LEU C 118 13.39 -37.11 12.53
C LEU C 118 13.92 -36.04 13.49
N PRO C 119 15.11 -35.48 13.21
CA PRO C 119 15.67 -34.55 14.17
C PRO C 119 14.90 -33.24 14.30
N VAL C 120 14.97 -32.67 15.48
CA VAL C 120 14.35 -31.40 15.77
C VAL C 120 14.99 -30.33 14.90
N GLY C 121 14.16 -29.50 14.31
CA GLY C 121 14.59 -28.50 13.35
C GLY C 121 14.32 -28.92 11.91
N SER C 122 13.97 -30.20 11.67
CA SER C 122 13.70 -30.66 10.29
C SER C 122 12.49 -30.00 9.71
N VAL C 123 12.57 -29.66 8.43
CA VAL C 123 11.40 -29.25 7.66
C VAL C 123 10.49 -30.49 7.39
N VAL C 124 9.23 -30.38 7.77
CA VAL C 124 8.27 -31.48 7.73
C VAL C 124 7.31 -31.35 6.52
N PHE C 125 6.95 -30.12 6.20
CA PHE C 125 6.05 -29.83 5.10
C PHE C 125 6.22 -28.34 4.73
N SER C 126 5.76 -27.96 3.54
CA SER C 126 5.81 -26.55 3.08
C SER C 126 4.47 -26.19 2.52
N VAL C 127 3.95 -25.05 2.93
CA VAL C 127 2.73 -24.52 2.38
C VAL C 127 3.01 -23.16 1.79
N LEU C 128 2.14 -22.75 0.86
CA LEU C 128 2.21 -21.44 0.25
C LEU C 128 0.81 -20.85 0.06
N ALA C 129 0.61 -19.63 0.56
CA ALA C 129 -0.61 -18.87 0.29
C ALA C 129 -0.27 -17.54 -0.37
N VAL C 130 -1.04 -17.15 -1.37
CA VAL C 130 -0.83 -15.90 -2.06
C VAL C 130 -2.04 -14.97 -1.92
N ASP C 131 -1.76 -13.69 -1.75
CA ASP C 131 -2.79 -12.63 -1.64
C ASP C 131 -2.52 -11.60 -2.70
N LYS C 132 -3.48 -11.39 -3.58
CA LYS C 132 -3.32 -10.47 -4.71
C LYS C 132 -3.13 -8.98 -4.39
N ASP C 133 -3.59 -8.54 -3.21
CA ASP C 133 -3.59 -7.13 -2.92
C ASP C 133 -2.14 -6.60 -2.78
N MET C 134 -2.00 -5.28 -2.81
CA MET C 134 -0.73 -4.60 -2.66
C MET C 134 -0.40 -4.27 -1.20
N GLY C 135 0.87 -4.03 -0.91
CA GLY C 135 1.30 -3.52 0.39
C GLY C 135 0.95 -4.53 1.49
N SER C 136 0.55 -3.99 2.64
CA SER C 136 0.30 -4.77 3.80
C SER C 136 -0.95 -5.63 3.59
N ALA C 137 -1.84 -5.16 2.72
CA ALA C 137 -3.04 -5.91 2.36
C ALA C 137 -2.76 -7.22 1.57
N GLY C 138 -1.55 -7.33 1.00
CA GLY C 138 -1.08 -8.53 0.33
C GLY C 138 0.04 -9.30 1.03
N MET C 139 0.47 -8.84 2.20
CA MET C 139 1.47 -9.59 2.99
C MET C 139 0.80 -10.70 3.74
N VAL C 140 1.36 -11.90 3.61
CA VAL C 140 0.79 -13.11 4.20
C VAL C 140 1.53 -13.49 5.46
N VAL C 141 0.79 -13.72 6.53
CA VAL C 141 1.36 -14.39 7.70
C VAL C 141 0.66 -15.73 7.95
N TYR C 142 1.46 -16.75 8.26
CA TYR C 142 0.99 -18.11 8.47
C TYR C 142 0.85 -18.40 9.95
N SER C 143 -0.11 -19.23 10.31
CA SER C 143 -0.27 -19.60 11.71
C SER C 143 -0.73 -21.07 11.82
N ILE C 144 -0.25 -21.74 12.86
CA ILE C 144 -0.80 -23.01 13.25
C ILE C 144 -1.90 -22.67 14.23
N GLU C 145 -3.15 -22.89 13.83
CA GLU C 145 -4.29 -22.51 14.65
C GLU C 145 -4.58 -23.56 15.72
N LYS C 146 -4.30 -24.83 15.42
CA LYS C 146 -4.70 -25.90 16.30
C LYS C 146 -3.94 -27.16 15.97
N VAL C 147 -3.59 -27.89 17.03
CA VAL C 147 -2.97 -29.18 16.88
C VAL C 147 -3.75 -30.26 17.59
N ILE C 148 -3.97 -31.38 16.90
CA ILE C 148 -4.68 -32.53 17.42
C ILE C 148 -3.77 -33.75 17.27
N PRO C 149 -3.57 -34.56 18.32
CA PRO C 149 -4.09 -34.30 19.67
C PRO C 149 -3.55 -33.03 20.32
N SER C 150 -4.29 -32.51 21.30
CA SER C 150 -3.94 -31.30 22.06
C SER C 150 -3.34 -31.59 23.43
N THR C 151 -2.20 -32.25 23.51
CA THR C 151 -1.50 -32.34 24.80
C THR C 151 -0.72 -31.04 25.13
N GLY C 152 -0.18 -30.98 26.34
CA GLY C 152 0.82 -29.97 26.75
C GLY C 152 2.03 -29.91 25.83
N ASP C 153 2.49 -31.11 25.49
CA ASP C 153 3.51 -31.33 24.46
C ASP C 153 3.15 -30.71 23.09
N SER C 154 2.03 -31.16 22.51
CA SER C 154 1.72 -31.00 21.10
C SER C 154 1.62 -29.56 20.59
N GLU C 155 1.19 -28.62 21.44
CA GLU C 155 1.15 -27.18 21.07
C GLU C 155 2.52 -26.58 20.68
N HIS C 156 3.60 -27.16 21.18
CA HIS C 156 4.97 -26.67 20.92
C HIS C 156 5.78 -27.59 20.00
N LEU C 157 5.12 -28.55 19.39
CA LEU C 157 5.81 -29.61 18.63
C LEU C 157 6.14 -29.19 17.22
N PHE C 158 5.33 -28.28 16.66
CA PHE C 158 5.53 -27.78 15.32
C PHE C 158 5.54 -26.25 15.31
N ARG C 159 6.32 -25.66 14.41
CA ARG C 159 6.33 -24.21 14.20
C ARG C 159 6.22 -24.00 12.72
N ILE C 160 5.49 -22.98 12.34
CA ILE C 160 5.46 -22.58 10.96
C ILE C 160 6.26 -21.28 10.80
N LEU C 161 7.18 -21.25 9.84
CA LEU C 161 8.03 -20.09 9.62
C LEU C 161 7.38 -19.15 8.62
N ALA C 162 7.94 -17.95 8.51
CA ALA C 162 7.37 -16.89 7.67
C ALA C 162 7.34 -17.24 6.14
N ASN C 163 8.20 -18.14 5.70
CA ASN C 163 8.16 -18.68 4.32
C ASN C 163 7.23 -19.88 4.08
N GLY C 164 6.41 -20.23 5.08
CA GLY C 164 5.47 -21.31 4.94
C GLY C 164 6.01 -22.71 5.21
N SER C 165 7.28 -22.81 5.60
CA SER C 165 7.79 -24.12 6.00
C SER C 165 7.37 -24.45 7.42
N ILE C 166 6.95 -25.68 7.61
CA ILE C 166 6.60 -26.18 8.94
C ILE C 166 7.74 -27.03 9.44
N VAL C 167 8.22 -26.71 10.63
CA VAL C 167 9.38 -27.37 11.20
C VAL C 167 9.05 -28.12 12.48
N LEU C 168 9.80 -29.19 12.68
CA LEU C 168 9.67 -29.99 13.88
C LEU C 168 10.37 -29.26 15.01
N ASN C 169 9.66 -29.06 16.11
CA ASN C 169 10.17 -28.27 17.20
C ASN C 169 10.35 -29.04 18.51
N GLY C 170 10.02 -30.32 18.50
CA GLY C 170 10.26 -31.19 19.64
C GLY C 170 10.34 -32.61 19.10
N SER C 171 10.65 -33.57 19.95
CA SER C 171 10.84 -34.92 19.48
C SER C 171 9.50 -35.71 19.42
N LEU C 172 9.44 -36.64 18.47
CA LEU C 172 8.27 -37.47 18.21
C LEU C 172 8.39 -38.81 18.91
N SER C 173 7.24 -39.47 19.09
CA SER C 173 7.21 -40.88 19.52
C SER C 173 5.87 -41.51 19.16
N TYR C 174 5.89 -42.45 18.22
CA TYR C 174 4.70 -43.25 17.84
C TYR C 174 4.01 -43.88 19.06
N ASN C 175 4.80 -44.49 19.95
CA ASN C 175 4.29 -45.29 21.08
C ASN C 175 3.89 -44.39 22.25
N ASN C 176 4.69 -43.37 22.57
CA ASN C 176 4.55 -42.61 23.84
C ASN C 176 3.98 -41.19 23.75
N LYS C 177 3.83 -40.66 22.52
CA LYS C 177 3.20 -39.36 22.33
C LYS C 177 2.02 -39.46 21.40
N SER C 178 2.25 -39.69 20.12
CA SER C 178 1.16 -39.86 19.17
C SER C 178 1.64 -40.48 17.86
N ALA C 179 0.78 -41.32 17.29
CA ALA C 179 1.00 -41.91 15.98
C ALA C 179 0.66 -40.91 14.87
N PHE C 180 0.04 -39.79 15.20
CA PHE C 180 -0.31 -38.81 14.20
C PHE C 180 -0.52 -37.42 14.78
N TYR C 181 -0.51 -36.42 13.90
CA TYR C 181 -0.97 -35.10 14.22
C TYR C 181 -1.79 -34.53 13.08
N GLN C 182 -2.84 -33.78 13.41
CA GLN C 182 -3.50 -32.92 12.42
C GLN C 182 -3.25 -31.48 12.81
N LEU C 183 -2.68 -30.73 11.89
CA LEU C 183 -2.40 -29.31 12.06
C LEU C 183 -3.38 -28.49 11.26
N GLU C 184 -4.09 -27.59 11.95
CA GLU C 184 -4.97 -26.65 11.26
C GLU C 184 -4.17 -25.38 11.00
N LEU C 185 -4.09 -24.97 9.74
CA LEU C 185 -3.28 -23.83 9.34
C LEU C 185 -4.18 -22.72 8.78
N LYS C 186 -3.70 -21.50 8.94
CA LYS C 186 -4.40 -20.32 8.43
C LYS C 186 -3.36 -19.36 7.88
N ALA C 187 -3.78 -18.58 6.89
CA ALA C 187 -2.98 -17.48 6.34
C ALA C 187 -3.84 -16.20 6.33
N CYS C 188 -3.32 -15.11 6.87
CA CYS C 188 -4.03 -13.81 6.90
C CYS C 188 -3.15 -12.73 6.31
N ASP C 189 -3.75 -11.63 5.82
CA ASP C 189 -2.97 -10.47 5.40
C ASP C 189 -2.78 -9.60 6.62
N LEU C 190 -1.98 -8.54 6.48
CA LEU C 190 -1.76 -7.59 7.59
C LEU C 190 -2.76 -6.44 7.56
N GLY C 191 -3.74 -6.52 6.66
CA GLY C 191 -4.86 -5.59 6.68
C GLY C 191 -4.67 -4.36 5.80
N GLY C 192 -5.78 -3.63 5.65
CA GLY C 192 -5.83 -2.35 4.94
C GLY C 192 -7.29 -1.94 4.81
N MET C 193 -7.52 -0.85 4.10
CA MET C 193 -8.87 -0.34 3.90
C MET C 193 -9.68 -1.17 2.88
N TYR C 194 -10.93 -1.41 3.24
CA TYR C 194 -11.93 -1.99 2.34
C TYR C 194 -13.30 -1.54 2.85
N HIS C 195 -14.14 -1.05 1.95
CA HIS C 195 -15.42 -0.45 2.31
C HIS C 195 -15.25 0.66 3.37
N ASN C 196 -14.13 1.39 3.28
CA ASN C 196 -13.84 2.55 4.15
C ASN C 196 -13.53 2.18 5.61
N THR C 197 -13.19 0.91 5.86
CA THR C 197 -12.91 0.46 7.23
C THR C 197 -11.72 -0.49 7.21
N PHE C 198 -10.97 -0.50 8.31
CA PHE C 198 -9.79 -1.32 8.41
C PHE C 198 -10.23 -2.78 8.40
N THR C 199 -9.62 -3.55 7.54
CA THR C 199 -10.15 -4.85 7.17
C THR C 199 -8.98 -5.81 7.13
N ILE C 200 -9.06 -6.92 7.87
CA ILE C 200 -8.07 -8.00 7.72
C ILE C 200 -8.72 -9.21 7.08
N GLN C 201 -8.11 -9.75 6.02
CA GLN C 201 -8.65 -10.93 5.34
C GLN C 201 -7.84 -12.20 5.68
N CYS C 202 -8.54 -13.31 5.92
CA CYS C 202 -7.90 -14.58 6.25
C CYS C 202 -8.35 -15.62 5.26
N SER C 203 -7.47 -16.58 4.94
CA SER C 203 -7.86 -17.77 4.17
C SER C 203 -8.87 -18.65 4.88
N LEU C 204 -9.50 -19.50 4.09
CA LEU C 204 -10.13 -20.71 4.62
C LEU C 204 -9.07 -21.52 5.39
N PRO C 205 -9.50 -22.30 6.40
CA PRO C 205 -8.56 -23.17 7.12
C PRO C 205 -8.13 -24.31 6.24
N VAL C 206 -6.88 -24.70 6.37
CA VAL C 206 -6.40 -25.93 5.74
C VAL C 206 -5.87 -26.90 6.80
N PHE C 207 -5.94 -28.20 6.50
CA PHE C 207 -5.62 -29.26 7.45
C PHE C 207 -4.53 -30.17 6.95
N LEU C 208 -3.43 -30.23 7.69
CA LEU C 208 -2.31 -31.07 7.34
C LEU C 208 -2.33 -32.33 8.20
N SER C 209 -2.37 -33.48 7.56
CA SER C 209 -2.29 -34.78 8.25
C SER C 209 -0.90 -35.32 8.29
N ILE C 210 -0.42 -35.58 9.49
CA ILE C 210 0.92 -36.09 9.67
C ILE C 210 0.86 -37.43 10.33
N SER C 211 1.30 -38.46 9.63
CA SER C 211 1.49 -39.78 10.17
C SER C 211 2.92 -39.90 10.68
N VAL C 212 3.06 -40.42 11.91
CA VAL C 212 4.35 -40.70 12.51
C VAL C 212 4.67 -42.19 12.33
N VAL C 213 5.81 -42.51 11.71
CA VAL C 213 6.25 -43.91 11.57
C VAL C 213 7.09 -44.39 12.80
N ASP C 214 6.65 -45.48 13.44
CA ASP C 214 7.41 -46.14 14.51
C ASP C 214 8.70 -46.72 13.88
N GLN C 215 9.81 -46.60 14.60
CA GLN C 215 11.06 -47.23 14.18
C GLN C 215 11.62 -48.00 15.37
N PRO C 216 11.18 -49.26 15.56
CA PRO C 216 11.60 -50.04 16.74
C PRO C 216 13.13 -50.26 16.85
N ASP C 217 13.78 -49.40 17.66
CA ASP C 217 15.27 -49.28 17.76
C ASP C 217 15.69 -49.42 19.22
N MET D 1 23.69 4.70 -47.00
CA MET D 1 24.87 3.92 -46.53
C MET D 1 24.59 3.48 -45.08
N ASN D 2 25.18 4.11 -44.07
CA ASN D 2 24.93 3.70 -42.67
C ASN D 2 23.45 3.74 -42.25
N VAL D 3 23.06 2.77 -41.43
CA VAL D 3 21.74 2.78 -40.79
C VAL D 3 21.86 3.22 -39.33
N ALA D 4 20.96 4.12 -38.92
CA ALA D 4 20.98 4.67 -37.58
C ALA D 4 20.56 3.58 -36.61
N PRO D 5 21.20 3.52 -35.43
CA PRO D 5 20.70 2.62 -34.38
C PRO D 5 19.34 3.07 -33.89
N LYS D 6 18.65 2.13 -33.25
CA LYS D 6 17.29 2.31 -32.79
C LYS D 6 17.14 1.64 -31.41
N PHE D 7 16.65 2.40 -30.42
CA PHE D 7 16.30 1.89 -29.11
C PHE D 7 15.18 0.85 -29.22
N LEU D 8 15.26 -0.17 -28.39
CA LEU D 8 14.17 -1.15 -28.33
C LEU D 8 12.90 -0.47 -27.85
N ALA D 9 11.77 -1.07 -28.21
CA ALA D 9 10.43 -0.52 -27.92
C ALA D 9 10.17 -0.21 -26.44
N ASN D 10 10.73 -0.99 -25.53
CA ASN D 10 10.52 -0.76 -24.09
C ASN D 10 11.39 0.36 -23.46
N MET D 11 12.15 1.07 -24.28
CA MET D 11 12.94 2.20 -23.79
C MET D 11 12.14 3.51 -23.64
N THR D 12 10.82 3.46 -23.80
CA THR D 12 9.99 4.66 -23.59
C THR D 12 9.82 5.03 -22.11
N SER D 13 9.86 4.04 -21.22
CA SER D 13 9.68 4.28 -19.80
C SER D 13 10.36 3.25 -18.93
N VAL D 14 10.60 3.64 -17.68
CA VAL D 14 11.17 2.75 -16.67
C VAL D 14 10.58 3.05 -15.31
N ILE D 15 10.36 2.00 -14.54
CA ILE D 15 9.81 2.09 -13.19
C ILE D 15 10.92 1.80 -12.18
N LEU D 16 11.08 2.67 -11.20
CA LEU D 16 12.13 2.52 -10.22
C LEU D 16 11.57 2.84 -8.82
N PRO D 17 12.01 2.14 -7.80
CA PRO D 17 11.59 2.43 -6.45
C PRO D 17 12.32 3.66 -5.90
N GLU D 18 11.63 4.43 -5.07
CA GLU D 18 12.21 5.66 -4.54
C GLU D 18 13.40 5.43 -3.62
N ASP D 19 13.48 4.24 -3.01
CA ASP D 19 14.61 3.86 -2.13
C ASP D 19 15.81 3.21 -2.83
N LEU D 20 15.88 3.32 -4.15
CA LEU D 20 17.03 2.82 -4.87
C LEU D 20 18.27 3.56 -4.37
N PRO D 21 19.30 2.83 -3.89
CA PRO D 21 20.46 3.58 -3.37
C PRO D 21 21.31 4.14 -4.48
N VAL D 22 21.89 5.30 -4.21
CA VAL D 22 22.84 5.90 -5.11
C VAL D 22 23.99 4.92 -5.31
N GLY D 23 24.43 4.76 -6.57
CA GLY D 23 25.45 3.76 -6.90
C GLY D 23 24.89 2.45 -7.44
N ALA D 24 23.64 2.14 -7.19
CA ALA D 24 23.04 0.87 -7.62
C ALA D 24 22.68 0.91 -9.08
N GLN D 25 22.67 -0.26 -9.72
CA GLN D 25 22.11 -0.39 -11.05
C GLN D 25 20.63 -0.04 -11.03
N ALA D 26 20.25 0.83 -11.94
CA ALA D 26 18.87 1.23 -12.11
C ALA D 26 18.21 0.41 -13.22
N PHE D 27 18.84 0.36 -14.38
CA PHE D 27 18.32 -0.37 -15.54
C PHE D 27 19.37 -0.36 -16.63
N TRP D 28 19.09 -1.08 -17.72
CA TRP D 28 19.93 -1.15 -18.89
C TRP D 28 19.29 -0.39 -20.05
N LEU D 29 20.07 0.50 -20.68
CA LEU D 29 19.71 1.05 -21.99
C LEU D 29 20.09 0.06 -23.08
N VAL D 30 19.16 -0.29 -23.96
CA VAL D 30 19.42 -1.28 -25.03
C VAL D 30 18.86 -0.77 -26.37
N ALA D 31 19.67 -0.93 -27.39
CA ALA D 31 19.32 -0.55 -28.74
C ALA D 31 19.91 -1.61 -29.66
N GLU D 32 19.56 -1.52 -30.94
CA GLU D 32 20.12 -2.39 -31.98
C GLU D 32 20.54 -1.57 -33.17
N ASP D 33 21.44 -2.15 -33.96
CA ASP D 33 21.94 -1.50 -35.15
C ASP D 33 22.04 -2.50 -36.31
N GLN D 34 21.35 -2.19 -37.40
CA GLN D 34 21.27 -3.08 -38.58
C GLN D 34 22.65 -3.37 -39.20
N ASP D 35 23.63 -2.48 -39.02
CA ASP D 35 24.99 -2.73 -39.52
C ASP D 35 25.83 -3.47 -38.50
N ASN D 36 25.26 -3.74 -37.34
CA ASN D 36 26.02 -4.34 -36.27
C ASN D 36 27.20 -3.49 -35.73
N ASP D 37 27.04 -2.16 -35.78
CA ASP D 37 28.07 -1.25 -35.31
C ASP D 37 28.18 -1.35 -33.79
N PRO D 38 29.40 -1.20 -33.25
CA PRO D 38 29.46 -0.91 -31.82
C PRO D 38 28.70 0.37 -31.45
N LEU D 39 27.96 0.32 -30.34
CA LEU D 39 27.09 1.35 -29.92
C LEU D 39 27.51 1.91 -28.56
N THR D 40 27.35 3.22 -28.40
CA THR D 40 27.57 3.86 -27.14
C THR D 40 26.37 4.67 -26.63
N TYR D 41 26.25 4.74 -25.31
CA TYR D 41 25.05 5.21 -24.67
C TYR D 41 25.31 6.39 -23.74
N GLY D 42 24.27 7.20 -23.55
CA GLY D 42 24.36 8.40 -22.75
C GLY D 42 23.01 8.87 -22.29
N MET D 43 23.01 9.89 -21.43
CA MET D 43 21.80 10.55 -21.00
C MET D 43 22.09 12.04 -20.83
N SER D 44 21.09 12.85 -21.13
CA SER D 44 21.24 14.29 -21.00
C SER D 44 19.96 14.97 -20.52
N GLY D 45 20.09 16.27 -20.24
CA GLY D 45 18.96 17.12 -19.94
C GLY D 45 18.94 17.45 -18.43
N PRO D 46 18.00 18.30 -18.01
CA PRO D 46 18.01 18.84 -16.67
C PRO D 46 17.84 17.81 -15.56
N ASN D 47 17.28 16.65 -15.90
CA ASN D 47 17.12 15.55 -14.99
C ASN D 47 18.16 14.42 -15.15
N ALA D 48 19.13 14.60 -16.05
CA ALA D 48 20.10 13.56 -16.28
C ALA D 48 20.99 13.30 -15.07
N TYR D 49 21.13 14.28 -14.20
CA TYR D 49 22.01 14.18 -13.04
C TYR D 49 21.54 13.09 -12.03
N PHE D 50 20.29 12.63 -12.15
CA PHE D 50 19.80 11.49 -11.40
C PHE D 50 20.52 10.19 -11.73
N PHE D 51 21.15 10.11 -12.90
CA PHE D 51 21.77 8.87 -13.37
C PHE D 51 23.21 9.04 -13.89
N ALA D 52 23.90 7.91 -14.01
CA ALA D 52 25.20 7.83 -14.68
C ALA D 52 25.18 6.61 -15.60
N VAL D 53 25.34 6.87 -16.89
CA VAL D 53 25.32 5.82 -17.89
C VAL D 53 26.74 5.33 -18.13
N THR D 54 26.91 4.02 -18.19
CA THR D 54 28.17 3.41 -18.62
C THR D 54 28.15 3.37 -20.14
N PRO D 55 28.94 4.22 -20.80
CA PRO D 55 28.66 4.43 -22.24
C PRO D 55 28.82 3.21 -23.12
N LYS D 56 29.77 2.37 -22.80
CA LYS D 56 30.06 1.17 -23.62
C LYS D 56 28.94 0.14 -23.50
N THR D 57 28.35 -0.04 -22.31
CA THR D 57 27.46 -1.20 -22.06
C THR D 57 26.01 -0.85 -22.00
N GLY D 58 25.70 0.40 -21.73
CA GLY D 58 24.31 0.82 -21.58
C GLY D 58 23.78 0.68 -20.16
N GLU D 59 24.62 0.24 -19.23
CA GLU D 59 24.20 0.09 -17.84
C GLU D 59 23.91 1.48 -17.29
N VAL D 60 22.78 1.62 -16.62
CA VAL D 60 22.47 2.88 -15.96
C VAL D 60 22.50 2.70 -14.44
N LYS D 61 23.28 3.54 -13.76
CA LYS D 61 23.34 3.56 -12.29
C LYS D 61 22.75 4.85 -11.71
N LEU D 62 22.13 4.76 -10.56
CA LEU D 62 21.55 5.95 -9.94
C LEU D 62 22.69 6.82 -9.42
N ALA D 63 22.66 8.11 -9.75
CA ALA D 63 23.68 9.06 -9.28
C ALA D 63 23.16 10.10 -8.29
N SER D 64 21.85 10.19 -8.11
CA SER D 64 21.27 11.07 -7.12
C SER D 64 19.97 10.50 -6.61
N ALA D 65 19.69 10.72 -5.34
CA ALA D 65 18.55 10.07 -4.69
C ALA D 65 17.24 10.47 -5.35
N LEU D 66 16.38 9.47 -5.58
CA LEU D 66 14.97 9.63 -5.93
C LEU D 66 14.15 9.93 -4.70
N ASP D 67 12.95 10.49 -4.91
CA ASP D 67 12.02 10.68 -3.81
C ASP D 67 10.61 10.82 -4.36
N TYR D 68 9.77 9.83 -4.08
CA TYR D 68 8.38 9.83 -4.51
C TYR D 68 7.63 11.06 -4.02
N GLU D 69 7.96 11.49 -2.82
CA GLU D 69 7.25 12.57 -2.16
C GLU D 69 7.54 13.92 -2.84
N THR D 70 8.56 13.98 -3.70
CA THR D 70 9.05 15.22 -4.26
C THR D 70 8.88 15.29 -5.79
N LEU D 71 9.16 14.20 -6.47
CA LEU D 71 9.18 14.14 -7.95
C LEU D 71 8.85 12.70 -8.35
N TYR D 72 7.58 12.45 -8.56
CA TYR D 72 7.12 11.06 -8.66
C TYR D 72 7.25 10.54 -10.09
N THR D 73 7.37 11.45 -11.05
CA THR D 73 7.66 11.12 -12.41
C THR D 73 8.51 12.25 -13.04
N PHE D 74 9.39 11.93 -13.99
CA PHE D 74 10.13 12.94 -14.72
C PHE D 74 10.68 12.38 -16.06
N LYS D 75 11.09 13.27 -16.94
CA LYS D 75 11.61 12.86 -18.26
C LYS D 75 13.12 13.08 -18.34
N VAL D 76 13.78 12.22 -19.08
CA VAL D 76 15.19 12.38 -19.40
C VAL D 76 15.39 12.15 -20.90
N THR D 77 16.48 12.69 -21.43
CA THR D 77 16.87 12.38 -22.77
C THR D 77 17.86 11.23 -22.73
N ILE D 78 17.56 10.17 -23.48
CA ILE D 78 18.51 9.07 -23.66
C ILE D 78 19.09 9.08 -25.09
N SER D 79 20.30 8.60 -25.18
CA SER D 79 21.09 8.67 -26.39
C SER D 79 21.79 7.34 -26.70
N VAL D 80 21.72 6.93 -27.96
CA VAL D 80 22.56 5.86 -28.48
C VAL D 80 23.26 6.32 -29.74
N SER D 81 24.53 5.99 -29.86
CA SER D 81 25.35 6.42 -30.98
C SER D 81 26.06 5.22 -31.60
N ASP D 82 25.99 5.08 -32.92
CA ASP D 82 26.98 4.24 -33.59
C ASP D 82 28.22 5.12 -33.85
N PRO D 83 29.19 4.66 -34.64
CA PRO D 83 30.33 5.51 -34.93
C PRO D 83 30.00 6.80 -35.72
N TYR D 84 28.84 6.85 -36.40
CA TYR D 84 28.55 7.88 -37.42
C TYR D 84 27.43 8.81 -37.03
N ILE D 85 26.47 8.34 -36.22
CA ILE D 85 25.31 9.19 -35.88
C ILE D 85 24.84 9.00 -34.46
N GLN D 86 24.39 10.10 -33.85
CA GLN D 86 23.88 10.10 -32.51
C GLN D 86 22.36 10.13 -32.58
N VAL D 87 21.69 9.28 -31.81
CA VAL D 87 20.22 9.17 -31.82
C VAL D 87 19.71 9.39 -30.40
N GLN D 88 18.76 10.30 -30.26
CA GLN D 88 18.30 10.76 -28.94
C GLN D 88 16.79 10.71 -28.90
N ARG D 89 16.23 10.31 -27.77
CA ARG D 89 14.78 10.31 -27.60
C ARG D 89 14.50 10.52 -26.11
N GLU D 90 13.24 10.65 -25.79
CA GLU D 90 12.82 10.93 -24.44
C GLU D 90 12.34 9.67 -23.71
N MET D 91 12.75 9.53 -22.45
CA MET D 91 12.32 8.42 -21.59
C MET D 91 11.60 8.95 -20.35
N LEU D 92 10.46 8.34 -20.01
CA LEU D 92 9.74 8.69 -18.80
C LEU D 92 10.24 7.83 -17.65
N VAL D 93 10.69 8.47 -16.58
CA VAL D 93 10.99 7.77 -15.34
C VAL D 93 9.79 7.81 -14.40
N ILE D 94 9.33 6.64 -13.98
CA ILE D 94 8.21 6.51 -13.05
C ILE D 94 8.75 6.01 -11.74
N VAL D 95 8.61 6.82 -10.69
CA VAL D 95 9.12 6.48 -9.36
C VAL D 95 8.01 5.88 -8.49
N GLU D 96 8.33 4.76 -7.82
CA GLU D 96 7.37 4.07 -6.94
C GLU D 96 7.51 4.47 -5.48
N ASP D 97 6.38 4.64 -4.79
CA ASP D 97 6.38 4.93 -3.35
C ASP D 97 6.83 3.74 -2.46
N ARG D 98 7.61 4.05 -1.44
CA ARG D 98 8.03 3.06 -0.46
C ARG D 98 7.76 3.65 0.93
N ASN D 99 7.84 2.81 1.97
CA ASN D 99 7.46 3.24 3.32
C ASN D 99 8.61 3.93 4.07
N ASP D 100 8.93 5.14 3.62
CA ASP D 100 10.10 5.87 4.16
C ASP D 100 9.73 7.07 5.06
N ASN D 101 8.45 7.23 5.36
CA ASN D 101 8.00 8.22 6.30
C ASN D 101 7.23 7.60 7.48
N ALA D 102 7.31 8.29 8.62
CA ALA D 102 6.65 7.91 9.84
C ALA D 102 5.47 8.86 10.11
N PRO D 103 4.50 8.40 10.92
CA PRO D 103 3.46 9.35 11.31
C PRO D 103 4.01 10.47 12.18
N VAL D 104 3.48 11.68 11.95
CA VAL D 104 3.93 12.90 12.66
C VAL D 104 2.70 13.51 13.33
N PHE D 105 2.81 13.71 14.63
CA PHE D 105 1.72 14.34 15.38
C PHE D 105 1.62 15.81 15.05
N GLN D 106 0.40 16.29 14.80
CA GLN D 106 0.19 17.67 14.38
C GLN D 106 0.17 18.63 15.58
N ASN D 107 -0.47 18.18 16.66
CA ASN D 107 -0.68 18.94 17.91
C ASN D 107 0.55 19.75 18.44
N THR D 108 1.57 19.09 18.99
CA THR D 108 2.61 19.71 19.93
C THR D 108 2.13 20.26 21.35
N ALA D 109 0.83 20.60 21.52
CA ALA D 109 0.22 20.85 22.86
C ALA D 109 -0.56 19.61 23.41
N PHE D 110 -0.16 19.12 24.60
CA PHE D 110 -0.63 17.82 25.15
C PHE D 110 -0.94 17.85 26.66
N SER D 111 -1.82 18.75 27.07
CA SER D 111 -2.33 18.71 28.43
C SER D 111 -3.77 19.18 28.50
N THR D 112 -4.46 18.66 29.50
CA THR D 112 -5.86 18.99 29.70
C THR D 112 -6.23 18.75 31.16
N SER D 113 -7.42 19.21 31.51
CA SER D 113 -7.92 19.10 32.83
C SER D 113 -9.34 18.60 32.71
N ILE D 114 -9.68 17.57 33.49
CA ILE D 114 -11.03 17.03 33.46
C ILE D 114 -11.61 16.83 34.85
N ASN D 115 -12.93 17.08 34.95
CA ASN D 115 -13.66 16.92 36.20
C ASN D 115 -13.84 15.45 36.53
N GLU D 116 -13.72 15.10 37.81
CA GLU D 116 -13.72 13.69 38.24
C GLU D 116 -15.06 13.00 38.01
N THR D 117 -16.15 13.75 37.84
CA THR D 117 -17.47 13.19 37.56
C THR D 117 -17.78 13.11 36.07
N LEU D 118 -16.80 13.36 35.22
CA LEU D 118 -16.98 13.24 33.78
C LEU D 118 -17.48 11.84 33.46
N PRO D 119 -18.62 11.73 32.75
CA PRO D 119 -19.15 10.39 32.54
C PRO D 119 -18.29 9.49 31.66
N VAL D 120 -18.37 8.19 31.93
CA VAL D 120 -17.68 7.16 31.16
C VAL D 120 -18.19 7.19 29.71
N GLY D 121 -17.25 7.15 28.77
CA GLY D 121 -17.53 7.31 27.35
C GLY D 121 -17.15 8.68 26.84
N SER D 122 -16.94 9.63 27.75
CA SER D 122 -16.68 11.02 27.36
C SER D 122 -15.34 11.13 26.60
N VAL D 123 -15.33 11.93 25.56
CA VAL D 123 -14.08 12.29 24.86
C VAL D 123 -13.26 13.23 25.74
N VAL D 124 -12.02 12.88 26.00
CA VAL D 124 -11.15 13.57 26.94
C VAL D 124 -10.11 14.43 26.24
N PHE D 125 -9.63 13.95 25.11
CA PHE D 125 -8.65 14.65 24.30
C PHE D 125 -8.64 14.03 22.92
N SER D 126 -8.08 14.75 21.98
CA SER D 126 -8.05 14.29 20.62
C SER D 126 -6.65 14.57 20.08
N VAL D 127 -6.05 13.55 19.46
CA VAL D 127 -4.77 13.71 18.80
C VAL D 127 -4.93 13.39 17.31
N LEU D 128 -3.99 13.89 16.52
CA LEU D 128 -3.92 13.61 15.09
C LEU D 128 -2.50 13.45 14.59
N ALA D 129 -2.23 12.33 13.90
CA ALA D 129 -0.91 12.10 13.30
C ALA D 129 -1.10 11.83 11.83
N VAL D 130 -0.23 12.41 11.01
CA VAL D 130 -0.28 12.26 9.56
C VAL D 130 1.00 11.63 8.98
N ASP D 131 0.83 10.74 8.03
CA ASP D 131 1.92 10.02 7.39
C ASP D 131 1.83 10.25 5.87
N LYS D 132 2.92 10.72 5.27
CA LYS D 132 2.94 11.10 3.86
C LYS D 132 2.79 9.98 2.84
N ASP D 133 3.15 8.77 3.23
CA ASP D 133 3.20 7.68 2.27
C ASP D 133 1.81 7.34 1.77
N MET D 134 1.78 6.60 0.67
CA MET D 134 0.55 6.13 0.04
C MET D 134 0.06 4.78 0.61
N GLY D 135 -1.24 4.50 0.46
CA GLY D 135 -1.82 3.23 0.83
C GLY D 135 -1.65 2.92 2.32
N SER D 136 -1.34 1.66 2.60
CA SER D 136 -1.27 1.17 3.97
C SER D 136 -0.07 1.83 4.67
N ALA D 137 0.95 2.18 3.87
CA ALA D 137 2.15 2.78 4.41
C ALA D 137 1.90 4.19 4.96
N GLY D 138 0.74 4.77 4.57
CA GLY D 138 0.25 6.05 5.10
C GLY D 138 -0.97 5.99 6.02
N MET D 139 -1.51 4.79 6.28
CA MET D 139 -2.62 4.62 7.25
C MET D 139 -2.08 4.58 8.69
N VAL D 140 -2.67 5.40 9.55
CA VAL D 140 -2.17 5.61 10.90
C VAL D 140 -3.02 4.83 11.87
N VAL D 141 -2.37 4.09 12.75
CA VAL D 141 -3.03 3.58 13.96
C VAL D 141 -2.41 4.12 15.25
N TYR D 142 -3.28 4.40 16.21
CA TYR D 142 -2.88 5.05 17.47
C TYR D 142 -2.85 4.04 18.61
N SER D 143 -1.99 4.28 19.58
CA SER D 143 -1.95 3.36 20.72
C SER D 143 -1.64 4.14 22.00
N ILE D 144 -2.19 3.69 23.11
CA ILE D 144 -1.77 4.14 24.41
C ILE D 144 -0.71 3.14 24.84
N GLU D 145 0.54 3.59 24.90
CA GLU D 145 1.64 2.71 25.21
C GLU D 145 1.78 2.49 26.72
N LYS D 146 1.41 3.48 27.51
CA LYS D 146 1.63 3.40 28.95
C LYS D 146 0.78 4.41 29.69
N VAL D 147 0.31 4.02 30.88
CA VAL D 147 -0.41 4.94 31.78
C VAL D 147 0.19 5.01 33.14
N ILE D 148 0.36 6.23 33.62
CA ILE D 148 0.98 6.53 34.92
C ILE D 148 0.02 7.41 35.70
N PRO D 149 -0.32 7.06 36.94
CA PRO D 149 0.15 5.85 37.63
C PRO D 149 -0.32 4.55 36.98
N SER D 150 0.40 3.47 37.24
CA SER D 150 0.09 2.13 36.74
C SER D 150 -0.56 1.30 37.85
N THR D 151 -1.64 1.81 38.42
CA THR D 151 -2.11 1.39 39.75
C THR D 151 -3.30 0.42 39.57
N GLY D 152 -3.03 -0.83 39.19
CA GLY D 152 -4.08 -1.79 38.82
C GLY D 152 -5.03 -1.15 37.82
N ASP D 153 -6.11 -0.54 38.29
CA ASP D 153 -7.21 -0.12 37.39
C ASP D 153 -6.87 0.83 36.23
N SER D 154 -5.81 1.64 36.37
CA SER D 154 -5.47 2.70 35.39
C SER D 154 -5.26 2.20 33.95
N GLU D 155 -4.82 0.96 33.80
CA GLU D 155 -4.63 0.35 32.47
C GLU D 155 -5.94 0.28 31.65
N HIS D 156 -7.09 0.26 32.32
CA HIS D 156 -8.40 0.14 31.67
C HIS D 156 -9.20 1.46 31.70
N LEU D 157 -8.55 2.54 32.09
CA LEU D 157 -9.23 3.81 32.34
C LEU D 157 -9.44 4.67 31.09
N PHE D 158 -8.54 4.53 30.11
CA PHE D 158 -8.62 5.29 28.87
C PHE D 158 -8.47 4.38 27.68
N ARG D 159 -9.12 4.75 26.58
CA ARG D 159 -8.98 4.03 25.32
C ARG D 159 -8.78 5.08 24.25
N ILE D 160 -7.95 4.77 23.25
CA ILE D 160 -7.81 5.65 22.10
C ILE D 160 -8.45 4.99 20.89
N LEU D 161 -9.29 5.73 20.21
CA LEU D 161 -10.03 5.19 19.08
C LEU D 161 -9.25 5.41 17.80
N ALA D 162 -9.70 4.79 16.74
CA ALA D 162 -9.05 4.86 15.42
C ALA D 162 -8.99 6.27 14.79
N ASN D 163 -9.90 7.17 15.18
CA ASN D 163 -9.85 8.56 14.77
C ASN D 163 -9.02 9.49 15.69
N GLY D 164 -8.26 8.92 16.60
CA GLY D 164 -7.40 9.72 17.48
C GLY D 164 -8.05 10.29 18.73
N SER D 165 -9.33 10.03 18.93
CA SER D 165 -9.98 10.49 20.15
C SER D 165 -9.65 9.56 21.29
N ILE D 166 -9.29 10.15 22.41
CA ILE D 166 -9.10 9.41 23.63
C ILE D 166 -10.36 9.54 24.50
N VAL D 167 -10.87 8.39 24.93
CA VAL D 167 -12.12 8.28 25.61
C VAL D 167 -11.96 7.73 27.04
N LEU D 168 -12.80 8.24 27.94
CA LEU D 168 -12.80 7.80 29.31
C LEU D 168 -13.50 6.45 29.35
N ASN D 169 -12.83 5.46 29.93
CA ASN D 169 -13.36 4.13 29.93
C ASN D 169 -13.71 3.57 31.32
N GLY D 170 -13.46 4.35 32.36
CA GLY D 170 -13.85 3.99 33.72
C GLY D 170 -14.01 5.28 34.50
N SER D 171 -14.44 5.19 35.76
CA SER D 171 -14.73 6.39 36.51
C SER D 171 -13.44 6.91 37.20
N LEU D 172 -13.38 8.23 37.33
CA LEU D 172 -12.28 8.92 37.98
C LEU D 172 -12.53 9.17 39.46
N SER D 173 -11.46 9.47 40.20
CA SER D 173 -11.58 9.95 41.60
C SER D 173 -10.27 10.60 42.04
N TYR D 174 -10.31 11.94 42.21
CA TYR D 174 -9.17 12.72 42.72
C TYR D 174 -8.60 12.12 44.02
N ASN D 175 -9.50 11.78 44.95
CA ASN D 175 -9.13 11.34 46.29
C ASN D 175 -8.74 9.87 46.33
N ASN D 176 -9.50 9.00 45.65
CA ASN D 176 -9.39 7.52 45.82
C ASN D 176 -8.72 6.75 44.68
N LYS D 177 -8.44 7.39 43.54
CA LYS D 177 -7.66 6.77 42.48
C LYS D 177 -6.43 7.59 42.14
N SER D 178 -6.61 8.76 41.52
CA SER D 178 -5.46 9.62 41.20
C SER D 178 -5.90 11.03 40.85
N ALA D 179 -5.07 11.98 41.24
CA ALA D 179 -5.26 13.40 40.90
C ALA D 179 -4.78 13.68 39.48
N PHE D 180 -4.09 12.74 38.85
CA PHE D 180 -3.57 12.94 37.50
C PHE D 180 -3.26 11.66 36.79
N TYR D 181 -3.12 11.76 35.47
CA TYR D 181 -2.62 10.66 34.65
C TYR D 181 -1.70 11.20 33.58
N GLN D 182 -0.65 10.46 33.30
CA GLN D 182 0.15 10.72 32.11
C GLN D 182 0.01 9.56 31.16
N LEU D 183 -0.43 9.85 29.95
CA LEU D 183 -0.62 8.84 28.91
C LEU D 183 0.48 8.99 27.87
N GLU D 184 1.21 7.91 27.63
CA GLU D 184 2.18 7.90 26.56
C GLU D 184 1.47 7.37 25.33
N LEU D 185 1.50 8.15 24.24
CA LEU D 185 0.85 7.79 22.99
C LEU D 185 1.84 7.61 21.84
N LYS D 186 1.48 6.72 20.93
CA LYS D 186 2.29 6.43 19.75
C LYS D 186 1.36 6.33 18.54
N ALA D 187 1.88 6.70 17.36
CA ALA D 187 1.22 6.47 16.09
C ALA D 187 2.15 5.70 15.14
N CYS D 188 1.63 4.66 14.49
CA CYS D 188 2.39 3.83 13.56
C CYS D 188 1.59 3.66 12.24
N ASP D 189 2.28 3.38 11.14
CA ASP D 189 1.58 3.07 9.88
C ASP D 189 1.28 1.59 9.89
N LEU D 190 0.55 1.10 8.88
CA LEU D 190 0.30 -0.33 8.77
C LEU D 190 1.37 -1.05 8.03
N GLY D 191 2.39 -0.33 7.60
CA GLY D 191 3.54 -0.94 7.00
C GLY D 191 3.50 -0.93 5.48
N GLY D 192 4.67 -1.26 4.93
CA GLY D 192 4.87 -1.48 3.51
C GLY D 192 6.34 -1.70 3.27
N MET D 193 6.72 -1.88 2.01
CA MET D 193 8.09 -2.16 1.66
C MET D 193 8.99 -0.92 1.75
N TYR D 194 10.15 -1.11 2.37
CA TYR D 194 11.21 -0.11 2.44
C TYR D 194 12.53 -0.85 2.60
N HIS D 195 13.50 -0.50 1.78
CA HIS D 195 14.75 -1.25 1.67
C HIS D 195 14.53 -2.77 1.40
N ASN D 196 13.51 -3.08 0.62
CA ASN D 196 13.17 -4.46 0.19
C ASN D 196 12.65 -5.36 1.32
N THR D 197 12.21 -4.74 2.42
CA THR D 197 11.72 -5.51 3.54
C THR D 197 10.49 -4.85 4.10
N PHE D 198 9.61 -5.66 4.64
CA PHE D 198 8.37 -5.17 5.19
C PHE D 198 8.71 -4.32 6.44
N THR D 199 8.18 -3.12 6.49
CA THR D 199 8.70 -2.09 7.37
C THR D 199 7.54 -1.34 7.94
N ILE D 200 7.52 -1.25 9.28
CA ILE D 200 6.48 -0.46 9.94
C ILE D 200 7.12 0.75 10.60
N GLN D 201 6.62 1.96 10.29
CA GLN D 201 7.19 3.19 10.85
C GLN D 201 6.31 3.72 11.96
N CYS D 202 6.93 4.19 13.04
CA CYS D 202 6.22 4.73 14.20
C CYS D 202 6.73 6.12 14.52
N SER D 203 5.83 6.97 15.01
CA SER D 203 6.23 8.29 15.51
C SER D 203 7.13 8.17 16.72
N LEU D 204 7.78 9.27 17.05
CA LEU D 204 8.26 9.50 18.41
C LEU D 204 7.08 9.43 19.41
N PRO D 205 7.37 9.06 20.68
CA PRO D 205 6.33 9.03 21.71
C PRO D 205 5.91 10.42 22.09
N VAL D 206 4.63 10.57 22.39
CA VAL D 206 4.04 11.80 22.85
C VAL D 206 3.39 11.56 24.20
N PHE D 207 3.41 12.58 25.08
CA PHE D 207 2.90 12.46 26.43
C PHE D 207 1.75 13.42 26.73
N LEU D 208 0.59 12.87 27.06
CA LEU D 208 -0.57 13.65 27.43
C LEU D 208 -0.68 13.72 28.96
N SER D 209 -0.65 14.94 29.47
CA SER D 209 -0.86 15.22 30.87
C SER D 209 -2.33 15.48 31.17
N ILE D 210 -2.94 14.68 32.05
CA ILE D 210 -4.32 14.86 32.47
C ILE D 210 -4.38 15.18 33.94
N SER D 211 -4.84 16.37 34.28
CA SER D 211 -5.19 16.75 35.66
C SER D 211 -6.66 16.45 35.94
N VAL D 212 -6.93 15.79 37.08
CA VAL D 212 -8.27 15.45 37.52
C VAL D 212 -8.73 16.45 38.57
N VAL D 213 -9.86 17.12 38.35
CA VAL D 213 -10.37 18.10 39.32
C VAL D 213 -11.31 17.42 40.34
N ASP D 214 -11.00 17.58 41.65
CA ASP D 214 -11.88 17.12 42.75
C ASP D 214 -13.16 17.97 42.75
N GLN D 215 -14.30 17.33 43.00
CA GLN D 215 -15.58 18.02 43.12
C GLN D 215 -16.28 17.51 44.39
N PRO D 216 -15.98 18.08 45.59
CA PRO D 216 -16.50 17.63 46.90
C PRO D 216 -18.02 17.52 46.99
CA CA E . 3.82 -9.95 33.72
CA CA F . 26.09 -11.60 -0.90
CA CA G . 23.42 -13.28 -3.75
CA CA H . 24.14 -12.99 -10.31
CA CA I . -9.23 -21.23 29.50
CA CA J . -27.11 8.54 7.19
CA CA K . -24.31 11.60 7.27
CA CA L . -23.88 16.81 3.14
CA CA M . -19.34 29.98 -25.01
CA CA N . -10.60 -5.98 -6.79
CA CA O . -7.44 -5.18 -4.15
CA CA P . -5.68 -9.04 1.09
CA CA Q . 24.76 1.86 -38.04
CA CA R . 10.56 9.65 -0.10
CA CA S . 7.31 7.24 0.54
CA CA T . 4.67 5.54 6.40
#